data_5HWJ
#
_entry.id   5HWJ
#
_cell.length_a   168.940
_cell.length_b   118.420
_cell.length_c   74.300
_cell.angle_alpha   90.00
_cell.angle_beta   112.32
_cell.angle_gamma   90.00
#
_symmetry.space_group_name_H-M   'C 1 2 1'
#
loop_
_entity.id
_entity.type
_entity.pdbx_description
1 polymer 'Probable 5-dehydro-4-deoxyglucarate dehydratase'
2 non-polymer GLYCEROL
3 non-polymer 'FORMIC ACID'
4 water water
#
_entity_poly.entity_id   1
_entity_poly.type   'polypeptide(L)'
_entity_poly.pdbx_seq_one_letter_code
;MDPEQIKTALGSGLLSFPVTHFDAEGRFAADSYREHVEWLAGYKAPVLFAAGGTGEFFSLKPDEIPTIVAAAKEVAGETA
IVSGCGYGTEIAVDIARSVEKVGADGILLLPHYLIDAPQEGLYAHIKKVCQSVGIGVMVYNRDNSVLQADTLARLCDECP
NLVGFKDGTGDIGLVRQITAKMGDRLMYLGGMPTAELFAEAYLGAGFTTYSSAVFNFVPGLANEFYAALRAGERATCERI
LVDFFYPFMAIRNRAKGYAVSAVKAGVRLQGFNAGPVRAPLKDLTNEEIGMLEALIGTHKRKAWSHPQFEK
;
_entity_poly.pdbx_strand_id   A,B,C,D
#
loop_
_chem_comp.id
_chem_comp.type
_chem_comp.name
_chem_comp.formula
FMT non-polymer 'FORMIC ACID' 'C H2 O2'
GOL non-polymer GLYCEROL 'C3 H8 O3'
#
# COMPACT_ATOMS: atom_id res chain seq x y z
N MET A 1 40.28 -1.19 8.62
CA MET A 1 39.92 -2.51 8.05
C MET A 1 39.56 -2.39 6.59
N ASP A 2 40.13 -3.24 5.74
CA ASP A 2 39.82 -3.14 4.32
C ASP A 2 38.50 -3.87 4.04
N PRO A 3 37.88 -3.57 2.89
CA PRO A 3 36.53 -4.09 2.64
C PRO A 3 36.41 -5.61 2.64
N GLU A 4 37.42 -6.35 2.17
CA GLU A 4 37.32 -7.81 2.21
C GLU A 4 37.37 -8.33 3.64
N GLN A 5 38.04 -7.62 4.54
CA GLN A 5 38.08 -8.03 5.93
C GLN A 5 36.73 -7.83 6.60
N ILE A 6 36.05 -6.70 6.39
CA ILE A 6 34.73 -6.55 6.99
C ILE A 6 33.75 -7.52 6.33
N LYS A 7 33.92 -7.79 5.04
CA LYS A 7 33.08 -8.78 4.36
C LYS A 7 33.18 -10.12 5.08
N THR A 8 34.40 -10.50 5.45
CA THR A 8 34.59 -11.77 6.12
C THR A 8 33.95 -11.76 7.50
N ALA A 9 34.11 -10.65 8.22
CA ALA A 9 33.52 -10.54 9.55
C ALA A 9 31.99 -10.64 9.51
N LEU A 10 31.37 -10.05 8.49
CA LEU A 10 29.92 -10.10 8.35
C LEU A 10 29.40 -11.52 8.23
N GLY A 11 30.21 -12.42 7.69
CA GLY A 11 29.77 -13.79 7.48
C GLY A 11 30.12 -14.69 8.65
N SER A 12 30.65 -14.11 9.73
CA SER A 12 31.23 -14.94 10.79
CA SER A 12 31.26 -14.87 10.83
C SER A 12 30.37 -15.10 12.05
N GLY A 13 29.12 -14.66 11.99
CA GLY A 13 28.24 -14.77 13.14
C GLY A 13 27.06 -13.83 13.12
N LEU A 14 26.46 -13.67 14.31
CA LEU A 14 25.30 -12.81 14.55
C LEU A 14 25.68 -11.33 14.59
N LEU A 15 24.81 -10.44 14.11
N LEU A 15 24.85 -10.50 13.97
CA LEU A 15 25.13 -9.02 14.03
CA LEU A 15 25.05 -9.05 13.99
C LEU A 15 24.48 -8.20 15.14
C LEU A 15 24.01 -8.47 14.93
N SER A 16 25.30 -7.37 15.78
N SER A 16 24.27 -7.25 15.38
CA SER A 16 24.88 -6.54 16.90
CA SER A 16 23.28 -6.49 16.13
C SER A 16 24.63 -5.07 16.47
C SER A 16 23.56 -5.01 16.04
N PHE A 17 23.48 -4.52 16.86
N PHE A 17 22.61 -4.22 16.50
CA PHE A 17 23.04 -3.15 16.52
CA PHE A 17 22.67 -2.77 16.43
C PHE A 17 22.62 -2.38 17.78
C PHE A 17 22.48 -2.20 17.83
N PRO A 18 23.59 -1.88 18.55
CA PRO A 18 23.31 -1.27 19.84
C PRO A 18 22.43 -0.02 19.81
N VAL A 19 21.50 0.07 20.76
CA VAL A 19 20.78 1.32 20.99
C VAL A 19 21.78 2.41 21.35
N THR A 20 21.44 3.64 20.98
CA THR A 20 22.28 4.79 21.37
C THR A 20 21.78 5.38 22.66
N HIS A 21 22.65 5.43 23.67
CA HIS A 21 22.25 5.94 24.96
C HIS A 21 22.25 7.46 25.05
N PHE A 22 21.18 7.99 25.64
CA PHE A 22 21.03 9.43 25.86
C PHE A 22 20.84 9.72 27.33
N ASP A 23 21.33 10.87 27.79
CA ASP A 23 21.08 11.28 29.16
C ASP A 23 19.70 11.95 29.24
N ALA A 24 19.35 12.46 30.41
CA ALA A 24 17.98 12.90 30.62
C ALA A 24 17.69 14.08 29.70
N GLU A 25 18.74 14.86 29.43
CA GLU A 25 18.66 16.02 28.54
C GLU A 25 18.74 15.68 27.05
N GLY A 26 18.82 14.39 26.73
CA GLY A 26 18.82 13.96 25.36
C GLY A 26 20.18 13.92 24.68
N ARG A 27 21.24 14.29 25.40
CA ARG A 27 22.61 14.23 24.89
C ARG A 27 23.13 12.81 24.88
N PHE A 28 24.02 12.50 23.94
CA PHE A 28 24.71 11.20 23.94
C PHE A 28 25.40 10.98 25.27
N ALA A 29 25.15 9.80 25.85
CA ALA A 29 25.75 9.41 27.14
C ALA A 29 26.81 8.33 26.93
N ALA A 30 28.04 8.73 26.71
CA ALA A 30 29.06 7.78 26.25
C ALA A 30 29.40 6.75 27.34
N ASP A 31 29.37 7.16 28.61
CA ASP A 31 29.77 6.24 29.69
C ASP A 31 28.79 5.06 29.74
N SER A 32 27.50 5.37 29.70
CA SER A 32 26.47 4.33 29.68
C SER A 32 26.58 3.43 28.43
N TYR A 33 26.73 4.07 27.28
CA TYR A 33 26.88 3.36 26.01
C TYR A 33 28.02 2.36 26.05
N ARG A 34 29.20 2.79 26.49
CA ARG A 34 30.35 1.89 26.54
C ARG A 34 30.14 0.71 27.53
N GLU A 35 29.48 0.98 28.64
CA GLU A 35 29.20 -0.05 29.64
C GLU A 35 28.36 -1.15 28.99
N HIS A 36 27.35 -0.71 28.25
CA HIS A 36 26.44 -1.65 27.59
C HIS A 36 27.14 -2.41 26.46
N VAL A 37 27.92 -1.69 25.65
CA VAL A 37 28.63 -2.31 24.53
C VAL A 37 29.66 -3.30 25.02
N GLU A 38 30.29 -2.96 26.14
CA GLU A 38 31.26 -3.81 26.77
C GLU A 38 30.62 -5.14 27.22
N TRP A 39 29.47 -5.04 27.87
CA TRP A 39 28.70 -6.24 28.22
C TRP A 39 28.36 -7.09 27.00
N LEU A 40 27.87 -6.44 25.94
CA LEU A 40 27.55 -7.14 24.71
C LEU A 40 28.77 -7.84 24.14
N ALA A 41 29.95 -7.27 24.40
CA ALA A 41 31.18 -7.80 23.81
C ALA A 41 31.46 -9.20 24.28
N GLY A 42 31.01 -9.51 25.50
CA GLY A 42 31.22 -10.82 26.07
C GLY A 42 30.47 -11.88 25.33
N TYR A 43 29.50 -11.46 24.51
CA TYR A 43 28.71 -12.42 23.76
C TYR A 43 29.21 -12.60 22.31
N LYS A 44 30.29 -11.91 21.98
CA LYS A 44 31.12 -12.20 20.81
C LYS A 44 30.41 -12.09 19.43
N ALA A 45 29.50 -11.14 19.28
CA ALA A 45 29.05 -10.76 17.93
C ALA A 45 30.25 -10.25 17.13
N PRO A 46 30.45 -10.74 15.90
CA PRO A 46 31.65 -10.27 15.17
C PRO A 46 31.58 -8.85 14.63
N VAL A 47 30.38 -8.34 14.43
CA VAL A 47 30.19 -6.99 13.93
C VAL A 47 29.13 -6.31 14.75
N LEU A 48 29.46 -5.08 15.10
N LEU A 48 29.42 -5.09 15.19
CA LEU A 48 28.63 -4.14 15.83
CA LEU A 48 28.41 -4.25 15.79
C LEU A 48 28.30 -2.96 14.90
C LEU A 48 28.26 -2.99 14.96
N PHE A 49 27.01 -2.64 14.73
CA PHE A 49 26.64 -1.48 13.90
C PHE A 49 26.29 -0.35 14.84
N ALA A 50 27.16 0.65 14.94
CA ALA A 50 26.90 1.80 15.78
C ALA A 50 26.08 2.79 15.00
N ALA A 51 25.09 3.39 15.64
CA ALA A 51 24.26 4.44 15.00
C ALA A 51 23.55 3.91 13.77
N GLY A 52 23.02 2.71 13.89
CA GLY A 52 22.09 2.19 12.91
C GLY A 52 20.67 2.52 13.29
N GLY A 53 19.70 1.88 12.65
CA GLY A 53 18.31 2.17 12.96
C GLY A 53 17.94 1.94 14.45
N THR A 54 18.29 0.77 14.99
CA THR A 54 18.01 0.50 16.39
C THR A 54 18.76 1.49 17.27
N GLY A 55 19.86 2.01 16.73
CA GLY A 55 20.62 3.08 17.36
C GLY A 55 20.13 4.50 17.09
N GLU A 56 18.93 4.62 16.52
CA GLU A 56 18.28 5.91 16.27
C GLU A 56 19.09 6.84 15.36
N PHE A 57 19.74 6.23 14.36
CA PHE A 57 20.47 7.00 13.36
C PHE A 57 19.67 8.21 12.91
N PHE A 58 18.39 7.94 12.66
CA PHE A 58 17.49 8.91 12.05
C PHE A 58 17.14 10.12 12.95
N SER A 59 17.65 10.12 14.20
CA SER A 59 17.42 11.21 15.14
C SER A 59 18.71 11.85 15.62
N LEU A 60 19.84 11.39 15.07
CA LEU A 60 21.15 11.92 15.41
C LEU A 60 21.52 13.12 14.54
N LYS A 61 22.17 14.11 15.13
CA LYS A 61 22.82 15.13 14.33
C LYS A 61 24.07 14.51 13.73
N PRO A 62 24.41 14.86 12.48
CA PRO A 62 25.55 14.19 11.83
C PRO A 62 26.84 14.28 12.63
N ASP A 63 27.05 15.37 13.37
CA ASP A 63 28.28 15.50 14.13
C ASP A 63 28.31 14.57 15.34
N GLU A 64 27.18 13.97 15.71
CA GLU A 64 27.18 13.01 16.84
C GLU A 64 27.70 11.63 16.39
N ILE A 65 27.59 11.31 15.11
CA ILE A 65 27.81 9.94 14.67
C ILE A 65 29.28 9.49 14.87
N PRO A 66 30.29 10.29 14.49
CA PRO A 66 31.65 9.82 14.73
C PRO A 66 31.95 9.64 16.22
N THR A 67 31.29 10.44 17.06
CA THR A 67 31.54 10.40 18.50
C THR A 67 31.04 9.08 19.06
N ILE A 68 29.87 8.66 18.56
CA ILE A 68 29.27 7.40 18.96
C ILE A 68 30.12 6.24 18.46
N VAL A 69 30.56 6.30 17.21
CA VAL A 69 31.40 5.27 16.63
C VAL A 69 32.69 5.10 17.43
N ALA A 70 33.34 6.21 17.74
CA ALA A 70 34.58 6.14 18.50
C ALA A 70 34.37 5.58 19.92
N ALA A 71 33.27 5.93 20.58
CA ALA A 71 32.94 5.36 21.89
C ALA A 71 32.78 3.85 21.80
N ALA A 72 32.04 3.37 20.80
CA ALA A 72 31.91 1.94 20.61
C ALA A 72 33.27 1.25 20.39
N LYS A 73 34.14 1.89 19.63
CA LYS A 73 35.45 1.32 19.29
C LYS A 73 36.34 1.21 20.53
N GLU A 74 36.10 2.05 21.53
CA GLU A 74 36.91 1.99 22.76
C GLU A 74 36.79 0.65 23.46
N VAL A 75 35.60 0.06 23.41
CA VAL A 75 35.30 -1.14 24.19
C VAL A 75 34.87 -2.35 23.37
N ALA A 76 34.91 -2.23 22.05
CA ALA A 76 34.43 -3.30 21.18
C ALA A 76 35.35 -4.52 21.14
N GLY A 77 36.64 -4.34 21.44
CA GLY A 77 37.59 -5.44 21.42
C GLY A 77 37.82 -5.97 20.02
N GLU A 78 37.64 -7.27 19.84
CA GLU A 78 37.92 -7.90 18.54
C GLU A 78 36.74 -7.74 17.56
N THR A 79 35.75 -6.96 17.96
CA THR A 79 34.57 -6.72 17.14
C THR A 79 34.80 -5.62 16.08
N ALA A 80 34.32 -5.86 14.87
CA ALA A 80 34.35 -4.84 13.82
C ALA A 80 33.20 -3.86 14.07
N ILE A 81 33.45 -2.57 13.84
CA ILE A 81 32.45 -1.56 14.09
C ILE A 81 32.06 -0.92 12.75
N VAL A 82 30.80 -1.08 12.38
CA VAL A 82 30.23 -0.46 11.18
C VAL A 82 29.34 0.72 11.61
N SER A 83 29.41 1.83 10.88
CA SER A 83 28.64 3.04 11.18
C SER A 83 27.40 3.14 10.30
N GLY A 84 26.29 3.60 10.86
CA GLY A 84 25.18 4.03 10.03
C GLY A 84 25.61 5.20 9.19
N CYS A 85 24.92 5.39 8.08
CA CYS A 85 25.11 6.48 7.13
C CYS A 85 23.76 6.61 6.41
N GLY A 86 23.48 7.73 5.77
CA GLY A 86 22.21 7.85 5.09
C GLY A 86 21.97 9.28 4.65
N TYR A 87 20.72 9.55 4.30
CA TYR A 87 20.26 10.85 3.75
C TYR A 87 20.66 10.99 2.27
N GLY A 88 20.37 12.16 1.70
CA GLY A 88 20.84 12.44 0.38
C GLY A 88 22.36 12.45 0.24
N THR A 89 22.81 12.48 -1.00
CA THR A 89 24.22 12.22 -1.28
C THR A 89 25.19 13.16 -0.56
N GLU A 90 24.92 14.46 -0.57
CA GLU A 90 25.85 15.40 0.03
C GLU A 90 26.04 15.17 1.52
N ILE A 91 24.93 14.95 2.21
CA ILE A 91 25.02 14.66 3.65
C ILE A 91 25.68 13.30 3.87
N ALA A 92 25.26 12.30 3.09
CA ALA A 92 25.78 10.91 3.25
C ALA A 92 27.29 10.84 3.08
N VAL A 93 27.81 11.54 2.07
CA VAL A 93 29.26 11.54 1.84
C VAL A 93 30.01 12.15 3.02
N ASP A 94 29.49 13.25 3.57
CA ASP A 94 30.16 13.89 4.70
C ASP A 94 30.16 12.95 5.90
N ILE A 95 29.03 12.31 6.16
CA ILE A 95 28.97 11.34 7.27
C ILE A 95 29.97 10.19 7.03
N ALA A 96 29.94 9.60 5.83
CA ALA A 96 30.84 8.49 5.48
C ALA A 96 32.31 8.86 5.70
N ARG A 97 32.73 10.01 5.22
CA ARG A 97 34.12 10.41 5.39
C ARG A 97 34.44 10.67 6.86
N SER A 98 33.47 11.19 7.61
CA SER A 98 33.76 11.54 9.00
C SER A 98 33.89 10.28 9.85
N VAL A 99 33.14 9.22 9.53
CA VAL A 99 33.28 8.00 10.34
C VAL A 99 34.45 7.17 9.85
N GLU A 100 34.82 7.28 8.59
CA GLU A 100 36.03 6.62 8.13
C GLU A 100 37.20 7.21 8.90
N LYS A 101 37.17 8.53 9.10
CA LYS A 101 38.28 9.24 9.76
C LYS A 101 38.45 8.80 11.21
N VAL A 102 37.34 8.57 11.92
CA VAL A 102 37.51 8.05 13.30
C VAL A 102 37.72 6.56 13.42
N GLY A 103 37.87 5.85 12.30
CA GLY A 103 38.22 4.44 12.33
C GLY A 103 37.09 3.44 12.21
N ALA A 104 35.94 3.86 11.69
CA ALA A 104 34.92 2.86 11.37
C ALA A 104 35.47 1.82 10.42
N ASP A 105 34.98 0.59 10.55
CA ASP A 105 35.43 -0.51 9.69
C ASP A 105 34.52 -0.69 8.46
N GLY A 106 33.48 0.12 8.39
CA GLY A 106 32.57 0.10 7.25
C GLY A 106 31.40 1.03 7.51
N ILE A 107 30.55 1.21 6.48
CA ILE A 107 29.29 1.93 6.63
C ILE A 107 28.10 1.07 6.14
N LEU A 108 26.99 1.20 6.85
CA LEU A 108 25.70 0.66 6.49
C LEU A 108 24.89 1.82 5.93
N LEU A 109 24.60 1.80 4.64
CA LEU A 109 23.95 2.95 4.00
C LEU A 109 22.43 2.84 3.99
N LEU A 110 21.78 3.59 4.90
CA LEU A 110 20.34 3.69 4.98
C LEU A 110 19.81 4.53 3.80
N PRO A 111 18.48 4.53 3.61
CA PRO A 111 17.93 5.25 2.47
C PRO A 111 18.25 6.74 2.41
N HIS A 112 18.19 7.28 1.20
CA HIS A 112 18.21 8.73 1.08
C HIS A 112 16.90 9.25 1.68
N TYR A 113 16.79 10.56 1.82
CA TYR A 113 15.66 11.20 2.50
C TYR A 113 14.48 11.45 1.55
N LEU A 114 13.30 11.05 2.01
CA LEU A 114 11.97 11.53 1.53
C LEU A 114 11.44 10.98 0.20
N ILE A 115 12.18 11.17 -0.89
CA ILE A 115 11.61 10.93 -2.20
C ILE A 115 11.70 9.49 -2.72
N ASP A 116 10.74 9.15 -3.57
CA ASP A 116 10.91 7.98 -4.41
C ASP A 116 11.80 8.36 -5.56
N ALA A 117 12.64 7.44 -5.97
CA ALA A 117 13.69 7.70 -6.93
C ALA A 117 13.76 6.59 -7.96
N PRO A 118 14.09 6.95 -9.21
CA PRO A 118 14.31 5.94 -10.25
C PRO A 118 15.60 5.12 -9.98
N GLN A 119 15.66 3.90 -10.51
CA GLN A 119 16.82 3.01 -10.36
C GLN A 119 18.13 3.66 -10.79
N GLU A 120 18.10 4.42 -11.88
CA GLU A 120 19.29 5.12 -12.33
C GLU A 120 19.79 6.13 -11.33
N GLY A 121 18.87 6.76 -10.60
CA GLY A 121 19.21 7.72 -9.56
C GLY A 121 19.76 7.06 -8.32
N LEU A 122 19.16 5.96 -7.92
CA LEU A 122 19.70 5.16 -6.80
C LEU A 122 21.11 4.76 -7.10
N TYR A 123 21.33 4.31 -8.33
CA TYR A 123 22.65 3.91 -8.78
C TYR A 123 23.65 5.05 -8.64
N ALA A 124 23.29 6.22 -9.14
CA ALA A 124 24.21 7.35 -9.10
C ALA A 124 24.50 7.80 -7.66
N HIS A 125 23.47 7.84 -6.83
CA HIS A 125 23.62 8.20 -5.42
C HIS A 125 24.55 7.21 -4.67
N ILE A 126 24.24 5.93 -4.76
CA ILE A 126 24.99 4.93 -4.00
C ILE A 126 26.41 4.85 -4.51
N LYS A 127 26.62 4.97 -5.83
CA LYS A 127 27.96 4.94 -6.37
C LYS A 127 28.80 6.06 -5.80
N LYS A 128 28.23 7.26 -5.71
CA LYS A 128 28.97 8.43 -5.24
C LYS A 128 29.36 8.24 -3.78
N VAL A 129 28.46 7.66 -2.99
CA VAL A 129 28.78 7.42 -1.59
C VAL A 129 29.89 6.37 -1.49
N CYS A 130 29.76 5.25 -2.21
CA CYS A 130 30.83 4.22 -2.15
C CYS A 130 32.20 4.76 -2.60
N GLN A 131 32.23 5.64 -3.60
CA GLN A 131 33.51 6.13 -4.11
C GLN A 131 34.12 7.22 -3.23
N SER A 132 33.36 7.68 -2.22
CA SER A 132 33.83 8.72 -1.31
C SER A 132 34.75 8.18 -0.20
N VAL A 133 34.71 6.87 0.02
CA VAL A 133 35.50 6.24 1.07
C VAL A 133 36.20 4.96 0.58
N GLY A 134 37.19 4.50 1.34
CA GLY A 134 37.86 3.25 1.03
C GLY A 134 37.35 2.05 1.81
N ILE A 135 36.61 2.31 2.88
CA ILE A 135 36.10 1.23 3.71
C ILE A 135 34.90 0.56 3.07
N GLY A 136 34.57 -0.61 3.61
CA GLY A 136 33.49 -1.42 3.07
C GLY A 136 32.14 -0.74 3.26
N VAL A 137 31.25 -1.03 2.32
CA VAL A 137 29.89 -0.53 2.34
C VAL A 137 28.87 -1.66 2.25
N MET A 138 27.84 -1.58 3.08
CA MET A 138 26.67 -2.41 2.95
C MET A 138 25.45 -1.56 2.56
N VAL A 139 24.73 -1.95 1.51
CA VAL A 139 23.51 -1.24 1.14
C VAL A 139 22.31 -1.89 1.84
N TYR A 140 21.28 -1.11 2.11
CA TYR A 140 20.14 -1.51 2.91
C TYR A 140 18.88 -1.29 2.06
N ASN A 141 18.29 -2.38 1.56
CA ASN A 141 17.06 -2.29 0.76
C ASN A 141 15.89 -2.15 1.70
N ARG A 142 15.26 -0.98 1.69
CA ARG A 142 14.12 -0.74 2.55
C ARG A 142 13.45 0.58 2.17
N ASP A 143 12.16 0.64 2.45
CA ASP A 143 11.38 1.88 2.34
C ASP A 143 11.54 2.47 0.94
N ASN A 144 12.10 3.68 0.83
CA ASN A 144 12.18 4.38 -0.46
C ASN A 144 13.49 4.16 -1.22
N SER A 145 14.26 3.16 -0.78
CA SER A 145 15.46 2.76 -1.50
C SER A 145 15.52 1.25 -1.67
N VAL A 146 14.97 0.78 -2.78
CA VAL A 146 14.91 -0.66 -3.06
C VAL A 146 15.56 -0.89 -4.41
N LEU A 147 16.79 -1.37 -4.35
CA LEU A 147 17.55 -1.76 -5.54
C LEU A 147 16.98 -3.02 -6.19
N GLN A 148 16.82 -2.96 -7.52
CA GLN A 148 16.58 -4.18 -8.27
C GLN A 148 17.91 -4.92 -8.49
N ALA A 149 17.82 -6.20 -8.81
CA ALA A 149 19.00 -7.02 -8.95
C ALA A 149 19.97 -6.50 -10.02
N ASP A 150 19.46 -5.99 -11.16
CA ASP A 150 20.38 -5.54 -12.21
C ASP A 150 21.11 -4.25 -11.77
N THR A 151 20.44 -3.40 -11.01
CA THR A 151 21.05 -2.15 -10.56
C THR A 151 22.16 -2.46 -9.56
N LEU A 152 21.85 -3.40 -8.68
CA LEU A 152 22.82 -3.82 -7.68
C LEU A 152 24.04 -4.47 -8.34
N ALA A 153 23.81 -5.31 -9.34
CA ALA A 153 24.92 -5.89 -10.10
C ALA A 153 25.82 -4.80 -10.70
N ARG A 154 25.23 -3.74 -11.26
CA ARG A 154 26.03 -2.64 -11.81
C ARG A 154 26.87 -1.97 -10.72
N LEU A 155 26.27 -1.72 -9.56
CA LEU A 155 26.99 -1.14 -8.46
C LEU A 155 28.16 -2.05 -8.03
N CYS A 156 27.92 -3.36 -7.97
CA CYS A 156 28.96 -4.28 -7.52
C CYS A 156 30.13 -4.31 -8.48
N ASP A 157 29.83 -4.21 -9.77
CA ASP A 157 30.89 -4.18 -10.78
C ASP A 157 31.74 -2.92 -10.70
N GLU A 158 31.13 -1.79 -10.34
CA GLU A 158 31.84 -0.51 -10.35
C GLU A 158 32.42 -0.09 -9.00
N CYS A 159 31.91 -0.68 -7.92
CA CYS A 159 32.31 -0.32 -6.56
C CYS A 159 32.82 -1.56 -5.77
N PRO A 160 34.13 -1.82 -5.79
CA PRO A 160 34.68 -3.02 -5.14
C PRO A 160 34.45 -3.03 -3.64
N ASN A 161 34.33 -1.85 -3.05
CA ASN A 161 34.20 -1.77 -1.59
C ASN A 161 32.75 -2.03 -1.15
N LEU A 162 31.83 -2.13 -2.10
CA LEU A 162 30.48 -2.54 -1.80
CA LEU A 162 30.47 -2.54 -1.81
C LEU A 162 30.48 -4.05 -1.60
N VAL A 163 30.30 -4.48 -0.34
CA VAL A 163 30.45 -5.90 0.02
C VAL A 163 29.28 -6.55 0.76
N GLY A 164 28.28 -5.76 1.15
CA GLY A 164 27.15 -6.32 1.86
C GLY A 164 25.84 -5.82 1.34
N PHE A 165 24.80 -6.64 1.52
CA PHE A 165 23.42 -6.31 1.17
C PHE A 165 22.50 -6.68 2.34
N LYS A 166 21.85 -5.67 2.95
CA LYS A 166 20.92 -5.90 4.04
C LYS A 166 19.49 -5.69 3.55
N ASP A 167 18.59 -6.64 3.84
CA ASP A 167 17.20 -6.50 3.42
C ASP A 167 16.25 -6.08 4.54
N GLY A 168 15.48 -5.03 4.29
CA GLY A 168 14.40 -4.64 5.16
C GLY A 168 13.04 -4.66 4.49
N THR A 169 12.94 -5.25 3.30
CA THR A 169 11.66 -5.26 2.57
C THR A 169 10.79 -6.45 2.93
N GLY A 170 11.41 -7.58 3.25
CA GLY A 170 10.67 -8.80 3.47
C GLY A 170 10.18 -9.44 2.19
N ASP A 171 10.67 -8.94 1.06
CA ASP A 171 10.27 -9.40 -0.27
C ASP A 171 11.13 -10.60 -0.71
N ILE A 172 10.65 -11.80 -0.43
CA ILE A 172 11.39 -13.02 -0.70
C ILE A 172 11.70 -13.23 -2.16
N GLY A 173 10.72 -12.93 -3.01
CA GLY A 173 10.95 -13.03 -4.44
C GLY A 173 12.14 -12.24 -4.88
N LEU A 174 12.22 -10.98 -4.44
CA LEU A 174 13.30 -10.12 -4.83
C LEU A 174 14.63 -10.54 -4.18
N VAL A 175 14.65 -10.83 -2.89
CA VAL A 175 15.96 -11.10 -2.28
C VAL A 175 16.55 -12.41 -2.79
N ARG A 176 15.71 -13.39 -3.11
CA ARG A 176 16.26 -14.65 -3.64
C ARG A 176 16.82 -14.40 -5.06
N GLN A 177 16.15 -13.56 -5.84
CA GLN A 177 16.72 -13.13 -7.13
C GLN A 177 18.10 -12.49 -6.97
N ILE A 178 18.25 -11.65 -5.97
CA ILE A 178 19.51 -10.92 -5.74
C ILE A 178 20.61 -11.91 -5.37
N THR A 179 20.33 -12.86 -4.48
CA THR A 179 21.41 -13.80 -4.10
C THR A 179 21.76 -14.73 -5.28
N ALA A 180 20.77 -15.12 -6.07
CA ALA A 180 21.03 -15.90 -7.29
C ALA A 180 21.91 -15.16 -8.29
N LYS A 181 21.67 -13.87 -8.46
CA LYS A 181 22.46 -13.08 -9.39
C LYS A 181 23.86 -12.78 -8.90
N MET A 182 24.01 -12.42 -7.63
CA MET A 182 25.30 -11.93 -7.18
C MET A 182 26.15 -13.04 -6.55
N GLY A 183 25.54 -14.09 -6.05
CA GLY A 183 26.30 -15.18 -5.45
C GLY A 183 27.17 -14.67 -4.30
N ASP A 184 28.42 -15.12 -4.23
CA ASP A 184 29.27 -14.78 -3.09
C ASP A 184 29.96 -13.43 -3.26
N ARG A 185 29.60 -12.66 -4.28
CA ARG A 185 30.12 -11.31 -4.43
C ARG A 185 29.73 -10.43 -3.23
N LEU A 186 28.59 -10.77 -2.61
CA LEU A 186 28.06 -10.02 -1.47
C LEU A 186 27.75 -10.93 -0.29
N MET A 187 27.90 -10.40 0.92
CA MET A 187 27.32 -11.02 2.13
C MET A 187 25.91 -10.52 2.35
N TYR A 188 25.00 -11.45 2.61
CA TYR A 188 23.56 -11.15 2.70
C TYR A 188 23.11 -11.13 4.16
N LEU A 189 22.58 -9.97 4.55
CA LEU A 189 22.20 -9.70 5.93
C LEU A 189 20.68 -9.49 6.10
N GLY A 190 20.05 -10.33 6.91
CA GLY A 190 18.66 -10.14 7.28
C GLY A 190 18.50 -8.84 8.05
N GLY A 191 17.49 -8.06 7.69
CA GLY A 191 17.30 -6.75 8.31
C GLY A 191 15.86 -6.37 8.64
N MET A 192 14.95 -7.33 8.80
CA MET A 192 13.61 -6.99 9.29
C MET A 192 13.68 -6.60 10.76
N PRO A 193 12.71 -5.80 11.26
N PRO A 193 12.65 -5.88 11.23
CA PRO A 193 12.95 -5.16 12.57
CA PRO A 193 12.40 -5.71 12.66
C PRO A 193 13.18 -6.14 13.75
C PRO A 193 12.18 -7.07 13.30
N THR A 194 12.48 -7.28 13.74
N THR A 194 12.89 -7.38 14.37
CA THR A 194 12.77 -8.37 14.67
CA THR A 194 12.77 -8.70 14.99
C THR A 194 13.08 -9.62 13.83
C THR A 194 13.11 -9.77 13.94
N ALA A 195 14.33 -9.73 13.42
CA ALA A 195 14.72 -10.59 12.33
C ALA A 195 14.59 -12.09 12.57
N GLU A 196 14.57 -12.51 13.84
CA GLU A 196 14.42 -13.93 14.14
C GLU A 196 13.12 -14.46 13.58
N LEU A 197 12.11 -13.61 13.42
CA LEU A 197 10.84 -14.06 12.83
C LEU A 197 10.97 -14.50 11.39
N PHE A 198 12.04 -14.04 10.72
CA PHE A 198 12.30 -14.28 9.31
C PHE A 198 13.47 -15.21 9.03
N ALA A 199 14.27 -15.51 10.07
CA ALA A 199 15.58 -16.08 9.83
C ALA A 199 15.58 -17.46 9.18
N GLU A 200 14.63 -18.32 9.56
CA GLU A 200 14.59 -19.67 9.01
C GLU A 200 14.22 -19.62 7.54
N ALA A 201 13.25 -18.77 7.19
CA ALA A 201 12.92 -18.57 5.79
C ALA A 201 14.08 -17.93 5.02
N TYR A 202 14.75 -16.96 5.64
CA TYR A 202 15.81 -16.26 4.94
C TYR A 202 17.03 -17.16 4.66
N LEU A 203 17.25 -18.21 5.46
CA LEU A 203 18.29 -19.21 5.11
C LEU A 203 18.12 -19.74 3.71
N GLY A 204 16.89 -20.16 3.40
CA GLY A 204 16.56 -20.67 2.09
C GLY A 204 16.81 -19.66 1.01
N ALA A 205 16.60 -18.38 1.31
CA ALA A 205 16.82 -17.31 0.36
C ALA A 205 18.30 -17.01 0.14
N GLY A 206 19.16 -17.54 1.02
CA GLY A 206 20.61 -17.39 0.91
C GLY A 206 21.25 -16.50 1.98
N PHE A 207 20.47 -16.17 3.01
CA PHE A 207 20.94 -15.31 4.12
C PHE A 207 21.24 -16.18 5.36
N THR A 208 22.47 -16.13 5.88
CA THR A 208 22.78 -16.95 7.05
C THR A 208 23.04 -16.09 8.28
N THR A 209 22.84 -14.78 8.17
CA THR A 209 22.89 -13.92 9.35
C THR A 209 21.92 -12.75 9.23
N TYR A 210 21.82 -11.99 10.30
CA TYR A 210 20.87 -10.89 10.45
C TYR A 210 21.28 -10.02 11.63
N SER A 211 20.73 -8.81 11.68
CA SER A 211 20.78 -7.99 12.88
C SER A 211 19.75 -8.54 13.84
N SER A 212 20.19 -8.82 15.07
CA SER A 212 19.27 -9.21 16.14
C SER A 212 19.11 -8.01 17.06
N ALA A 213 18.04 -7.25 16.88
CA ALA A 213 17.75 -6.14 17.79
C ALA A 213 17.65 -6.61 19.25
N VAL A 214 17.01 -7.76 19.50
CA VAL A 214 16.82 -8.15 20.91
C VAL A 214 18.13 -8.59 21.58
N PHE A 215 19.16 -8.91 20.79
CA PHE A 215 20.51 -9.14 21.35
C PHE A 215 20.96 -7.98 22.23
N ASN A 216 20.41 -6.79 22.04
CA ASN A 216 20.68 -5.65 22.93
C ASN A 216 20.41 -5.97 24.40
N PHE A 217 19.37 -6.78 24.68
CA PHE A 217 18.98 -6.98 26.08
C PHE A 217 18.83 -8.46 26.48
N VAL A 218 18.65 -9.37 25.52
CA VAL A 218 18.73 -10.82 25.83
C VAL A 218 19.71 -11.50 24.86
N PRO A 219 20.99 -11.11 24.90
CA PRO A 219 21.98 -11.69 23.99
C PRO A 219 22.15 -13.19 24.17
N GLY A 220 21.99 -13.72 25.39
CA GLY A 220 22.10 -15.14 25.57
C GLY A 220 21.04 -15.90 24.80
N LEU A 221 19.85 -15.34 24.80
CA LEU A 221 18.70 -15.92 24.10
C LEU A 221 18.90 -15.79 22.59
N ALA A 222 19.33 -14.61 22.15
CA ALA A 222 19.58 -14.37 20.72
C ALA A 222 20.69 -15.28 20.17
N ASN A 223 21.76 -15.45 20.95
CA ASN A 223 22.85 -16.36 20.59
C ASN A 223 22.40 -17.82 20.46
N GLU A 224 21.51 -18.26 21.34
CA GLU A 224 21.03 -19.63 21.33
C GLU A 224 20.13 -19.83 20.11
N PHE A 225 19.29 -18.85 19.82
CA PHE A 225 18.42 -18.95 18.65
C PHE A 225 19.30 -19.07 17.42
N TYR A 226 20.33 -18.23 17.34
CA TYR A 226 21.21 -18.25 16.17
C TYR A 226 21.95 -19.56 16.02
N ALA A 227 22.46 -20.11 17.13
CA ALA A 227 23.13 -21.40 17.04
C ALA A 227 22.19 -22.49 16.60
N ALA A 228 20.96 -22.50 17.12
CA ALA A 228 19.97 -23.49 16.73
C ALA A 228 19.63 -23.34 15.25
N LEU A 229 19.45 -22.10 14.80
CA LEU A 229 19.20 -21.82 13.39
C LEU A 229 20.27 -22.45 12.51
N ARG A 230 21.53 -22.17 12.80
CA ARG A 230 22.61 -22.59 11.94
C ARG A 230 22.77 -24.12 12.01
N ALA A 231 22.36 -24.71 13.13
CA ALA A 231 22.46 -26.17 13.33
C ALA A 231 21.25 -26.94 12.83
N GLY A 232 20.23 -26.24 12.34
CA GLY A 232 19.01 -26.88 11.87
C GLY A 232 18.12 -27.46 12.96
N GLU A 233 18.35 -27.02 14.20
CA GLU A 233 17.57 -27.47 15.34
C GLU A 233 16.24 -26.75 15.38
N ARG A 234 15.32 -27.18 14.52
CA ARG A 234 14.05 -26.48 14.34
C ARG A 234 13.20 -26.39 15.60
N ALA A 235 13.16 -27.45 16.40
CA ALA A 235 12.28 -27.42 17.56
C ALA A 235 12.78 -26.40 18.59
N THR A 236 14.09 -26.16 18.62
CA THR A 236 14.66 -25.18 19.52
C THR A 236 14.30 -23.77 19.06
N CYS A 237 14.51 -23.51 17.77
CA CYS A 237 14.10 -22.22 17.17
C CYS A 237 12.61 -21.95 17.42
N GLU A 238 11.79 -22.97 17.19
CA GLU A 238 10.36 -22.83 17.35
C GLU A 238 9.94 -22.52 18.78
N ARG A 239 10.54 -23.21 19.75
CA ARG A 239 10.24 -22.97 21.16
C ARG A 239 10.54 -21.50 21.54
N ILE A 240 11.65 -20.99 21.02
CA ILE A 240 12.08 -19.63 21.34
C ILE A 240 11.14 -18.64 20.63
N LEU A 241 10.70 -18.97 19.40
CA LEU A 241 9.72 -18.10 18.73
C LEU A 241 8.44 -18.03 19.55
N VAL A 242 7.93 -19.19 20.00
CA VAL A 242 6.65 -19.23 20.65
C VAL A 242 6.70 -18.63 22.06
N ASP A 243 7.77 -18.89 22.79
CA ASP A 243 7.88 -18.46 24.16
C ASP A 243 8.39 -17.03 24.35
N PHE A 244 9.18 -16.54 23.39
CA PHE A 244 9.73 -15.21 23.52
C PHE A 244 9.38 -14.28 22.35
N PHE A 245 9.62 -14.68 21.10
CA PHE A 245 9.47 -13.69 20.03
C PHE A 245 8.03 -13.31 19.68
N TYR A 246 7.08 -14.22 19.62
CA TYR A 246 5.74 -13.75 19.30
C TYR A 246 5.16 -12.96 20.49
N PRO A 247 5.48 -13.34 21.74
CA PRO A 247 5.04 -12.44 22.82
C PRO A 247 5.69 -11.04 22.75
N PHE A 248 6.95 -11.00 22.35
CA PHE A 248 7.64 -9.71 22.16
C PHE A 248 6.94 -8.89 21.08
N MET A 249 6.60 -9.57 19.99
CA MET A 249 5.93 -8.89 18.88
CA MET A 249 5.93 -8.94 18.86
C MET A 249 4.60 -8.28 19.29
N ALA A 250 3.88 -8.92 20.19
CA ALA A 250 2.64 -8.38 20.69
C ALA A 250 2.86 -7.07 21.45
N ILE A 251 4.00 -6.93 22.13
CA ILE A 251 4.34 -5.69 22.78
C ILE A 251 4.76 -4.66 21.75
N ARG A 252 5.64 -5.10 20.85
CA ARG A 252 6.20 -4.24 19.80
CA ARG A 252 6.19 -4.25 19.80
C ARG A 252 5.09 -3.63 18.94
N ASN A 253 4.07 -4.42 18.66
CA ASN A 253 2.99 -3.98 17.77
C ASN A 253 2.01 -3.00 18.41
N ARG A 254 2.19 -2.64 19.67
CA ARG A 254 1.24 -1.77 20.37
C ARG A 254 1.29 -0.33 19.85
N ALA A 255 2.41 0.07 19.29
CA ALA A 255 2.54 1.43 18.77
C ALA A 255 3.65 1.55 17.73
N LYS A 256 3.51 2.55 16.87
CA LYS A 256 4.51 2.82 15.86
C LYS A 256 5.83 3.17 16.55
N GLY A 257 6.92 2.64 15.99
CA GLY A 257 8.27 2.93 16.47
C GLY A 257 8.75 2.02 17.61
N TYR A 258 7.88 1.17 18.13
CA TYR A 258 8.27 0.30 19.26
C TYR A 258 9.29 -0.77 18.88
N ALA A 259 9.51 -1.03 17.60
CA ALA A 259 10.61 -1.88 17.19
C ALA A 259 11.92 -1.33 17.74
N VAL A 260 12.01 -0.01 17.90
CA VAL A 260 13.14 0.61 18.59
C VAL A 260 12.81 0.80 20.08
N SER A 261 11.68 1.42 20.41
CA SER A 261 11.43 1.82 21.79
C SER A 261 11.42 0.60 22.73
N ALA A 262 10.84 -0.50 22.30
CA ALA A 262 10.78 -1.69 23.15
C ALA A 262 12.16 -2.28 23.41
N VAL A 263 13.04 -2.26 22.41
CA VAL A 263 14.41 -2.71 22.59
C VAL A 263 15.14 -1.83 23.61
N LYS A 264 14.96 -0.50 23.50
CA LYS A 264 15.63 0.43 24.39
C LYS A 264 15.11 0.17 25.83
N ALA A 265 13.81 -0.08 25.96
CA ALA A 265 13.23 -0.39 27.27
C ALA A 265 13.84 -1.66 27.85
N GLY A 266 14.07 -2.67 27.01
CA GLY A 266 14.71 -3.92 27.43
C GLY A 266 16.11 -3.71 27.97
N VAL A 267 16.86 -2.83 27.30
CA VAL A 267 18.18 -2.49 27.74
C VAL A 267 18.14 -1.85 29.12
N ARG A 268 17.23 -0.90 29.31
CA ARG A 268 17.06 -0.26 30.61
C ARG A 268 16.71 -1.27 31.69
N LEU A 269 15.86 -2.21 31.33
CA LEU A 269 15.46 -3.25 32.30
C LEU A 269 16.59 -4.12 32.75
N GLN A 270 17.60 -4.31 31.90
CA GLN A 270 18.74 -5.14 32.22
C GLN A 270 19.84 -4.40 32.98
N GLY A 271 19.53 -3.15 33.36
CA GLY A 271 20.41 -2.36 34.20
C GLY A 271 21.34 -1.36 33.53
N PHE A 272 21.12 -1.11 32.25
CA PHE A 272 21.93 -0.15 31.50
C PHE A 272 21.04 1.04 31.22
N ASN A 273 21.31 2.24 31.76
CA ASN A 273 20.32 3.30 31.59
CA ASN A 273 20.31 3.29 31.55
C ASN A 273 20.58 4.02 30.26
N ALA A 274 20.01 3.44 29.24
CA ALA A 274 20.12 3.95 27.88
C ALA A 274 19.29 5.20 27.68
N GLY A 275 18.47 5.57 28.66
CA GLY A 275 17.70 6.80 28.58
C GLY A 275 16.51 6.75 27.64
N PRO A 276 15.87 7.89 27.42
CA PRO A 276 14.70 7.98 26.57
C PRO A 276 15.05 7.85 25.08
N VAL A 277 14.06 7.52 24.26
CA VAL A 277 14.16 7.72 22.80
C VAL A 277 13.97 9.20 22.50
N ARG A 278 14.48 9.62 21.34
CA ARG A 278 14.25 10.96 20.84
C ARG A 278 12.97 10.97 20.06
N ALA A 279 12.21 12.08 20.19
CA ALA A 279 11.06 12.30 19.31
C ALA A 279 11.58 12.27 17.87
N PRO A 280 10.75 11.78 16.94
CA PRO A 280 9.33 11.44 17.09
C PRO A 280 9.04 10.00 17.51
N LEU A 281 10.03 9.24 17.95
CA LEU A 281 9.71 8.02 18.71
C LEU A 281 9.13 8.39 20.08
N LYS A 282 8.39 7.46 20.68
CA LYS A 282 7.92 7.64 22.05
CA LYS A 282 7.88 7.62 22.04
C LYS A 282 8.29 6.39 22.83
N ASP A 283 8.54 6.57 24.12
CA ASP A 283 8.88 5.43 24.96
C ASP A 283 7.66 4.62 25.38
N LEU A 284 7.88 3.34 25.65
CA LEU A 284 6.86 2.51 26.27
C LEU A 284 6.35 3.16 27.56
N THR A 285 5.09 2.91 27.86
CA THR A 285 4.55 3.33 29.15
C THR A 285 5.15 2.45 30.23
N ASN A 286 5.07 2.91 31.48
CA ASN A 286 5.61 2.11 32.58
C ASN A 286 4.92 0.75 32.62
N GLU A 287 3.64 0.71 32.27
CA GLU A 287 2.93 -0.55 32.19
C GLU A 287 3.50 -1.47 31.11
N GLU A 288 3.75 -0.91 29.93
CA GLU A 288 4.31 -1.68 28.84
C GLU A 288 5.70 -2.20 29.20
N ILE A 289 6.45 -1.39 29.94
CA ILE A 289 7.79 -1.79 30.35
C ILE A 289 7.63 -2.99 31.30
N GLY A 290 6.67 -2.92 32.20
CA GLY A 290 6.38 -4.05 33.08
C GLY A 290 5.99 -5.33 32.31
N MET A 291 5.27 -5.20 31.19
CA MET A 291 4.98 -6.37 30.34
C MET A 291 6.28 -6.98 29.81
N LEU A 292 7.18 -6.13 29.35
CA LEU A 292 8.44 -6.61 28.82
C LEU A 292 9.29 -7.23 29.94
N GLU A 293 9.25 -6.63 31.12
CA GLU A 293 10.04 -7.14 32.27
C GLU A 293 9.60 -8.57 32.60
N ALA A 294 8.29 -8.76 32.64
CA ALA A 294 7.72 -10.09 32.90
C ALA A 294 8.13 -11.07 31.82
N LEU A 295 8.12 -10.63 30.56
CA LEU A 295 8.54 -11.49 29.47
C LEU A 295 10.01 -11.90 29.58
N ILE A 296 10.90 -10.94 29.88
CA ILE A 296 12.32 -11.21 30.03
C ILE A 296 12.50 -12.32 31.08
N GLY A 297 11.82 -12.18 32.20
CA GLY A 297 11.63 -13.30 33.14
C GLY A 297 12.92 -13.93 33.60
N THR A 298 13.10 -15.23 33.29
CA THR A 298 14.31 -15.98 33.69
C THR A 298 15.62 -15.45 33.07
N HIS A 299 15.50 -14.60 32.04
CA HIS A 299 16.66 -14.05 31.33
C HIS A 299 17.14 -12.70 31.89
N LYS A 300 16.59 -12.28 33.02
CA LYS A 300 17.07 -11.07 33.68
C LYS A 300 18.55 -11.18 34.11
N ARG A 301 19.29 -10.08 33.88
CA ARG A 301 20.73 -9.90 34.18
C ARG A 301 20.99 -9.50 35.63
N LYS A 302 19.94 -9.07 36.32
CA LYS A 302 20.07 -8.52 37.67
C LYS A 302 18.74 -8.64 38.37
N ALA A 303 18.75 -8.24 39.63
CA ALA A 303 17.53 -7.96 40.36
C ALA A 303 17.55 -6.50 40.75
N TRP A 304 16.38 -5.88 40.66
CA TRP A 304 16.17 -4.49 41.09
C TRP A 304 15.74 -4.44 42.55
N SER A 305 16.23 -3.42 43.25
CA SER A 305 15.73 -3.09 44.58
C SER A 305 14.78 -1.93 44.48
N HIS A 306 13.49 -2.24 44.40
CA HIS A 306 12.51 -1.18 44.20
C HIS A 306 12.26 -0.44 45.51
N PRO A 307 12.11 0.90 45.42
CA PRO A 307 11.98 1.70 46.64
C PRO A 307 10.74 1.32 47.43
N GLN A 308 10.88 1.17 48.74
CA GLN A 308 9.78 0.71 49.58
C GLN A 308 10.05 1.05 51.06
N PHE A 309 9.01 1.45 51.80
CA PHE A 309 9.15 1.87 53.20
C PHE A 309 8.05 1.31 54.09
N GLU A 310 8.19 1.56 55.40
CA GLU A 310 7.25 1.10 56.42
C GLU A 310 6.90 2.20 57.42
N MET B 1 9.16 38.91 8.56
CA MET B 1 7.88 39.46 9.08
C MET B 1 7.43 38.59 10.25
N ASP B 2 6.38 38.98 10.95
CA ASP B 2 5.89 38.15 12.04
C ASP B 2 4.94 37.08 11.48
N PRO B 3 4.66 36.05 12.27
CA PRO B 3 3.85 34.94 11.73
C PRO B 3 2.47 35.33 11.21
N GLU B 4 1.79 36.30 11.82
CA GLU B 4 0.50 36.73 11.26
C GLU B 4 0.66 37.40 9.91
N GLN B 5 1.78 38.08 9.67
CA GLN B 5 1.99 38.68 8.36
C GLN B 5 2.25 37.63 7.27
N ILE B 6 3.03 36.60 7.57
CA ILE B 6 3.24 35.58 6.55
C ILE B 6 1.91 34.82 6.37
N LYS B 7 1.14 34.68 7.44
CA LYS B 7 -0.18 34.03 7.34
C LYS B 7 -1.04 34.76 6.31
N THR B 8 -1.12 36.08 6.44
CA THR B 8 -1.87 36.88 5.50
C THR B 8 -1.34 36.71 4.07
N ALA B 9 -0.02 36.70 3.90
CA ALA B 9 0.58 36.58 2.57
C ALA B 9 0.20 35.25 1.92
N LEU B 10 0.19 34.18 2.71
CA LEU B 10 -0.22 32.87 2.20
C LEU B 10 -1.63 32.86 1.62
N GLY B 11 -2.48 33.75 2.12
CA GLY B 11 -3.86 33.79 1.66
C GLY B 11 -4.10 34.80 0.56
N SER B 12 -3.03 35.33 -0.01
CA SER B 12 -3.19 36.45 -0.94
CA SER B 12 -3.13 36.45 -0.93
C SER B 12 -2.87 36.10 -2.39
N GLY B 13 -2.69 34.82 -2.70
CA GLY B 13 -2.44 34.45 -4.08
C GLY B 13 -1.85 33.07 -4.26
N LEU B 14 -1.18 32.90 -5.39
CA LEU B 14 -0.59 31.63 -5.79
C LEU B 14 0.79 31.46 -5.16
N LEU B 15 1.18 30.22 -4.84
CA LEU B 15 2.49 30.00 -4.23
C LEU B 15 3.54 29.47 -5.21
N SER B 16 4.73 30.07 -5.15
CA SER B 16 5.83 29.77 -6.04
C SER B 16 6.88 28.95 -5.28
N PHE B 17 7.29 27.81 -5.85
CA PHE B 17 8.36 26.97 -5.31
C PHE B 17 9.50 26.80 -6.31
N PRO B 18 10.41 27.80 -6.38
CA PRO B 18 11.44 27.72 -7.44
C PRO B 18 12.37 26.51 -7.37
N VAL B 19 12.72 25.94 -8.52
CA VAL B 19 13.77 24.92 -8.58
C VAL B 19 15.07 25.54 -8.10
N THR B 20 15.94 24.74 -7.49
CA THR B 20 17.25 25.21 -7.13
C THR B 20 18.25 24.96 -8.26
N HIS B 21 18.88 26.03 -8.71
CA HIS B 21 19.78 25.90 -9.85
C HIS B 21 21.14 25.35 -9.47
N PHE B 22 21.66 24.42 -10.27
CA PHE B 22 22.98 23.86 -10.04
C PHE B 22 23.87 24.03 -11.27
N ASP B 23 25.18 24.18 -11.05
CA ASP B 23 26.11 24.17 -12.19
C ASP B 23 26.35 22.71 -12.61
N ALA B 24 27.24 22.51 -13.59
CA ALA B 24 27.41 21.18 -14.18
C ALA B 24 27.99 20.21 -13.16
N GLU B 25 28.70 20.76 -12.19
CA GLU B 25 29.32 19.98 -11.12
C GLU B 25 28.36 19.74 -9.94
N GLY B 26 27.13 20.21 -10.06
CA GLY B 26 26.12 20.04 -9.02
C GLY B 26 26.07 21.06 -7.92
N ARG B 27 26.94 22.07 -7.98
CA ARG B 27 26.98 23.12 -6.97
C ARG B 27 25.91 24.16 -7.18
N PHE B 28 25.49 24.80 -6.10
CA PHE B 28 24.48 25.85 -6.22
C PHE B 28 24.98 26.95 -7.15
N ALA B 29 24.15 27.35 -8.09
CA ALA B 29 24.49 28.39 -9.07
C ALA B 29 23.63 29.63 -8.80
N ALA B 30 24.14 30.52 -7.94
CA ALA B 30 23.34 31.60 -7.38
C ALA B 30 22.93 32.63 -8.45
N ASP B 31 23.84 32.90 -9.39
CA ASP B 31 23.58 33.91 -10.42
C ASP B 31 22.40 33.47 -11.31
N SER B 32 22.43 32.22 -11.76
CA SER B 32 21.31 31.67 -12.56
C SER B 32 20.01 31.63 -11.74
N TYR B 33 20.12 31.19 -10.50
CA TYR B 33 18.94 31.16 -9.63
C TYR B 33 18.29 32.56 -9.52
N ARG B 34 19.11 33.58 -9.27
CA ARG B 34 18.56 34.91 -9.09
C ARG B 34 17.95 35.42 -10.41
N GLU B 35 18.55 35.06 -11.55
CA GLU B 35 18.02 35.50 -12.84
C GLU B 35 16.61 34.98 -12.99
N HIS B 36 16.44 33.71 -12.61
CA HIS B 36 15.17 33.02 -12.78
C HIS B 36 14.14 33.57 -11.78
N VAL B 37 14.55 33.73 -10.53
CA VAL B 37 13.66 34.26 -9.49
C VAL B 37 13.25 35.67 -9.88
N GLU B 38 14.17 36.43 -10.48
CA GLU B 38 13.86 37.81 -10.85
C GLU B 38 12.80 37.86 -11.96
N TRP B 39 12.96 36.97 -12.94
CA TRP B 39 11.97 36.81 -13.99
C TRP B 39 10.61 36.41 -13.44
N LEU B 40 10.58 35.44 -12.52
CA LEU B 40 9.33 35.01 -11.88
C LEU B 40 8.65 36.15 -11.14
N ALA B 41 9.45 37.09 -10.62
CA ALA B 41 8.90 38.16 -9.79
C ALA B 41 7.88 39.02 -10.53
N GLY B 42 8.03 39.09 -11.84
CA GLY B 42 7.14 39.85 -12.67
C GLY B 42 5.73 39.32 -12.67
N TYR B 43 5.58 38.06 -12.22
CA TYR B 43 4.27 37.40 -12.19
C TYR B 43 3.60 37.45 -10.78
N LYS B 44 4.30 38.04 -9.81
CA LYS B 44 3.73 38.56 -8.57
C LYS B 44 3.09 37.49 -7.63
N ALA B 45 3.67 36.30 -7.57
CA ALA B 45 3.29 35.34 -6.52
C ALA B 45 3.61 35.99 -5.16
N PRO B 46 2.68 35.92 -4.18
CA PRO B 46 2.93 36.61 -2.93
C PRO B 46 3.90 35.94 -1.97
N VAL B 47 4.15 34.65 -2.18
CA VAL B 47 5.08 33.90 -1.35
C VAL B 47 5.91 33.01 -2.25
N LEU B 48 7.19 32.98 -1.93
CA LEU B 48 8.18 32.20 -2.64
C LEU B 48 8.76 31.24 -1.60
N PHE B 49 8.65 29.93 -1.88
CA PHE B 49 9.25 28.92 -1.04
C PHE B 49 10.59 28.49 -1.63
N ALA B 50 11.67 28.94 -1.00
CA ALA B 50 13.00 28.59 -1.42
C ALA B 50 13.41 27.26 -0.79
N ALA B 51 14.05 26.42 -1.58
CA ALA B 51 14.50 25.09 -1.11
C ALA B 51 13.36 24.31 -0.50
N GLY B 52 12.27 24.27 -1.24
CA GLY B 52 11.19 23.34 -1.01
C GLY B 52 11.44 22.04 -1.76
N GLY B 53 10.43 21.21 -1.80
CA GLY B 53 10.51 19.97 -2.58
C GLY B 53 10.90 20.16 -4.03
N THR B 54 10.17 21.05 -4.71
CA THR B 54 10.48 21.36 -6.11
C THR B 54 11.87 21.97 -6.21
N GLY B 55 12.30 22.64 -5.15
CA GLY B 55 13.67 23.13 -5.00
C GLY B 55 14.72 22.10 -4.53
N GLU B 56 14.36 20.81 -4.52
CA GLU B 56 15.28 19.73 -4.17
C GLU B 56 15.84 19.83 -2.74
N PHE B 57 15.01 20.31 -1.82
CA PHE B 57 15.38 20.38 -0.40
C PHE B 57 16.10 19.13 0.03
N PHE B 58 15.50 18.00 -0.34
CA PHE B 58 15.95 16.66 0.08
C PHE B 58 17.33 16.25 -0.46
N SER B 59 17.95 17.10 -1.30
CA SER B 59 19.31 16.85 -1.79
C SER B 59 20.32 17.96 -1.43
N LEU B 60 19.91 18.91 -0.61
CA LEU B 60 20.75 20.02 -0.21
C LEU B 60 21.47 19.67 1.09
N LYS B 61 22.72 20.10 1.20
CA LYS B 61 23.38 20.07 2.49
C LYS B 61 22.76 21.18 3.34
N PRO B 62 22.62 20.97 4.66
CA PRO B 62 22.02 22.04 5.48
C PRO B 62 22.72 23.40 5.33
N ASP B 63 24.03 23.40 5.10
CA ASP B 63 24.73 24.69 5.03
C ASP B 63 24.43 25.43 3.71
N GLU B 64 23.89 24.73 2.73
CA GLU B 64 23.48 25.36 1.47
C GLU B 64 22.18 26.15 1.63
N ILE B 65 21.33 25.75 2.56
CA ILE B 65 19.96 26.28 2.58
C ILE B 65 19.91 27.79 2.87
N PRO B 66 20.62 28.29 3.88
CA PRO B 66 20.56 29.76 4.06
C PRO B 66 21.13 30.57 2.87
N THR B 67 22.11 30.02 2.17
CA THR B 67 22.69 30.71 1.00
C THR B 67 21.66 30.84 -0.12
N ILE B 68 20.91 29.78 -0.31
CA ILE B 68 19.82 29.78 -1.29
C ILE B 68 18.72 30.77 -0.91
N VAL B 69 18.31 30.76 0.35
CA VAL B 69 17.32 31.68 0.85
C VAL B 69 17.79 33.12 0.65
N ALA B 70 19.03 33.40 1.01
CA ALA B 70 19.56 34.77 0.88
C ALA B 70 19.55 35.20 -0.60
N ALA B 71 19.91 34.27 -1.50
CA ALA B 71 19.90 34.55 -2.94
C ALA B 71 18.53 34.97 -3.42
N ALA B 72 17.52 34.20 -3.02
CA ALA B 72 16.15 34.49 -3.41
C ALA B 72 15.75 35.87 -2.87
N LYS B 73 16.15 36.18 -1.64
CA LYS B 73 15.73 37.42 -1.00
C LYS B 73 16.30 38.65 -1.71
N GLU B 74 17.46 38.49 -2.33
CA GLU B 74 18.10 39.59 -3.07
C GLU B 74 17.19 40.16 -4.15
N VAL B 75 16.43 39.28 -4.80
CA VAL B 75 15.73 39.65 -6.02
C VAL B 75 14.24 39.42 -6.02
N ALA B 76 13.68 38.97 -4.91
CA ALA B 76 12.28 38.60 -4.88
C ALA B 76 11.32 39.77 -4.66
N GLY B 77 11.88 40.93 -4.28
CA GLY B 77 11.08 42.13 -4.09
C GLY B 77 10.23 42.10 -2.84
N GLU B 78 9.02 42.64 -2.93
CA GLU B 78 8.11 42.71 -1.80
C GLU B 78 7.34 41.41 -1.77
N THR B 79 8.07 40.34 -1.46
CA THR B 79 7.53 38.98 -1.53
C THR B 79 7.98 38.25 -0.30
N ALA B 80 7.08 37.49 0.29
CA ALA B 80 7.43 36.73 1.48
C ALA B 80 8.25 35.55 1.03
N ILE B 81 9.33 35.26 1.76
CA ILE B 81 10.23 34.15 1.47
C ILE B 81 10.16 33.09 2.57
N VAL B 82 9.69 31.91 2.23
CA VAL B 82 9.66 30.77 3.14
C VAL B 82 10.72 29.76 2.75
N SER B 83 11.42 29.21 3.76
CA SER B 83 12.43 28.19 3.54
C SER B 83 11.90 26.80 3.81
N GLY B 84 12.35 25.80 3.04
CA GLY B 84 12.18 24.42 3.45
C GLY B 84 12.99 24.14 4.71
N CYS B 85 12.53 23.13 5.42
CA CYS B 85 13.10 22.64 6.66
C CYS B 85 12.65 21.19 6.75
N GLY B 86 13.34 20.35 7.51
CA GLY B 86 12.93 18.95 7.59
C GLY B 86 13.98 18.15 8.35
N TYR B 87 13.88 16.83 8.23
CA TYR B 87 14.72 15.83 8.92
C TYR B 87 14.27 15.68 10.37
N GLY B 88 15.01 14.87 11.12
CA GLY B 88 14.80 14.74 12.56
C GLY B 88 15.00 16.05 13.30
N THR B 89 14.57 16.06 14.55
CA THR B 89 14.46 17.29 15.30
C THR B 89 15.78 18.06 15.41
N GLU B 90 16.86 17.34 15.68
CA GLU B 90 18.13 18.01 15.91
C GLU B 90 18.60 18.74 14.66
N ILE B 91 18.48 18.09 13.52
CA ILE B 91 18.85 18.72 12.24
C ILE B 91 17.84 19.84 11.88
N ALA B 92 16.54 19.55 12.05
CA ALA B 92 15.48 20.53 11.71
C ALA B 92 15.61 21.85 12.47
N VAL B 93 15.85 21.79 13.78
CA VAL B 93 16.02 22.97 14.58
C VAL B 93 17.20 23.81 14.09
N ASP B 94 18.33 23.16 13.76
CA ASP B 94 19.50 23.93 13.31
C ASP B 94 19.22 24.59 11.96
N ILE B 95 18.53 23.89 11.07
CA ILE B 95 18.13 24.50 9.79
C ILE B 95 17.18 25.66 10.02
N ALA B 96 16.16 25.45 10.85
CA ALA B 96 15.17 26.48 11.14
C ALA B 96 15.87 27.77 11.65
N ARG B 97 16.72 27.62 12.66
CA ARG B 97 17.38 28.81 13.17
C ARG B 97 18.30 29.46 12.16
N SER B 98 18.97 28.67 11.33
CA SER B 98 19.88 29.24 10.34
C SER B 98 19.16 30.05 9.27
N VAL B 99 17.97 29.63 8.87
CA VAL B 99 17.27 30.41 7.85
C VAL B 99 16.54 31.60 8.48
N GLU B 100 16.13 31.48 9.73
CA GLU B 100 15.62 32.63 10.45
C GLU B 100 16.70 33.72 10.50
N LYS B 101 17.93 33.30 10.76
CA LYS B 101 19.05 34.24 10.88
C LYS B 101 19.29 35.02 9.59
N VAL B 102 19.14 34.39 8.43
CA VAL B 102 19.30 35.13 7.16
C VAL B 102 18.08 35.83 6.66
N GLY B 103 17.03 35.89 7.48
CA GLY B 103 15.86 36.67 7.17
C GLY B 103 14.69 35.98 6.51
N ALA B 104 14.63 34.65 6.58
CA ALA B 104 13.45 33.96 6.09
C ALA B 104 12.22 34.48 6.86
N ASP B 105 11.09 34.49 6.17
CA ASP B 105 9.83 34.94 6.71
C ASP B 105 8.99 33.77 7.28
N GLY B 106 9.46 32.56 7.04
CA GLY B 106 8.82 31.39 7.59
C GLY B 106 9.54 30.12 7.19
N ILE B 107 9.04 28.98 7.69
CA ILE B 107 9.58 27.67 7.32
C ILE B 107 8.43 26.76 6.98
N LEU B 108 8.66 25.97 5.93
CA LEU B 108 7.80 24.88 5.54
C LEU B 108 8.45 23.60 6.07
N LEU B 109 7.78 22.94 7.02
CA LEU B 109 8.39 21.79 7.66
C LEU B 109 8.03 20.46 6.99
N LEU B 110 8.96 19.95 6.22
CA LEU B 110 8.85 18.66 5.56
CA LEU B 110 8.86 18.67 5.56
C LEU B 110 9.04 17.55 6.58
N PRO B 111 8.69 16.30 6.20
CA PRO B 111 8.74 15.20 7.17
C PRO B 111 10.10 14.97 7.82
N HIS B 112 10.07 14.39 9.01
CA HIS B 112 11.29 13.86 9.59
C HIS B 112 11.76 12.68 8.70
N TYR B 113 12.97 12.19 8.98
CA TYR B 113 13.62 11.21 8.12
C TYR B 113 13.22 9.76 8.47
N LEU B 114 12.86 8.99 7.44
CA LEU B 114 12.83 7.52 7.45
C LEU B 114 11.68 6.85 8.19
N ILE B 115 11.54 7.09 9.49
CA ILE B 115 10.66 6.25 10.30
C ILE B 115 9.19 6.65 10.34
N ASP B 116 8.36 5.65 10.56
CA ASP B 116 6.98 5.88 10.92
C ASP B 116 6.96 6.21 12.39
N ALA B 117 6.06 7.09 12.80
CA ALA B 117 6.07 7.56 14.16
C ALA B 117 4.68 7.70 14.72
N PRO B 118 4.54 7.51 16.03
CA PRO B 118 3.23 7.73 16.63
C PRO B 118 2.83 9.23 16.66
N GLN B 119 1.53 9.51 16.72
CA GLN B 119 1.02 10.90 16.75
C GLN B 119 1.65 11.73 17.88
N GLU B 120 1.82 11.15 19.06
CA GLU B 120 2.40 11.92 20.16
C GLU B 120 3.86 12.28 19.88
N GLY B 121 4.53 11.44 19.08
CA GLY B 121 5.89 11.67 18.67
C GLY B 121 5.98 12.77 17.64
N LEU B 122 5.09 12.72 16.65
CA LEU B 122 5.00 13.84 15.67
C LEU B 122 4.77 15.14 16.40
N TYR B 123 3.85 15.10 17.35
CA TYR B 123 3.55 16.27 18.17
C TYR B 123 4.82 16.84 18.82
N ALA B 124 5.57 15.96 19.50
CA ALA B 124 6.75 16.38 20.26
C ALA B 124 7.79 17.01 19.32
N HIS B 125 7.99 16.36 18.17
CA HIS B 125 8.92 16.84 17.15
C HIS B 125 8.50 18.20 16.60
N ILE B 126 7.29 18.28 16.11
CA ILE B 126 6.89 19.54 15.48
C ILE B 126 6.83 20.71 16.47
N LYS B 127 6.37 20.43 17.69
CA LYS B 127 6.40 21.43 18.73
C LYS B 127 7.79 21.97 18.97
N LYS B 128 8.78 21.08 19.10
CA LYS B 128 10.14 21.50 19.34
C LYS B 128 10.67 22.37 18.20
N VAL B 129 10.34 22.02 16.96
CA VAL B 129 10.81 22.84 15.84
C VAL B 129 10.12 24.20 15.88
N CYS B 130 8.82 24.23 16.09
CA CYS B 130 8.09 25.50 16.15
C CYS B 130 8.60 26.41 17.26
N GLN B 131 8.94 25.84 18.40
CA GLN B 131 9.36 26.67 19.51
C GLN B 131 10.81 27.13 19.37
N SER B 132 11.53 26.64 18.35
CA SER B 132 12.94 26.99 18.19
C SER B 132 13.13 28.32 17.45
N VAL B 133 12.05 28.84 16.84
CA VAL B 133 12.10 30.07 16.06
C VAL B 133 10.88 30.94 16.35
N GLY B 134 10.99 32.21 15.96
CA GLY B 134 9.88 33.13 16.09
C GLY B 134 9.08 33.33 14.82
N ILE B 135 9.63 32.87 13.71
CA ILE B 135 8.97 33.06 12.43
C ILE B 135 7.87 32.04 12.25
N GLY B 136 7.01 32.29 11.26
CA GLY B 136 5.88 31.41 11.02
C GLY B 136 6.30 30.05 10.52
N VAL B 137 5.46 29.06 10.83
CA VAL B 137 5.69 27.68 10.40
C VAL B 137 4.45 27.14 9.67
N MET B 138 4.71 26.43 8.59
CA MET B 138 3.67 25.68 7.88
C MET B 138 4.04 24.21 7.99
N VAL B 139 3.14 23.36 8.46
CA VAL B 139 3.39 21.93 8.47
C VAL B 139 2.93 21.30 7.15
N TYR B 140 3.54 20.18 6.78
CA TYR B 140 3.33 19.52 5.50
C TYR B 140 2.95 18.09 5.77
N ASN B 141 1.67 17.77 5.63
CA ASN B 141 1.17 16.43 5.77
C ASN B 141 1.49 15.61 4.53
N ARG B 142 2.42 14.68 4.66
CA ARG B 142 2.80 13.83 3.55
C ARG B 142 3.69 12.68 4.04
N ASP B 143 3.69 11.61 3.27
CA ASP B 143 4.58 10.48 3.47
C ASP B 143 4.53 10.01 4.94
N ASN B 144 5.67 10.01 5.63
CA ASN B 144 5.74 9.46 6.98
C ASN B 144 5.43 10.47 8.09
N SER B 145 4.85 11.61 7.73
CA SER B 145 4.39 12.58 8.72
C SER B 145 2.99 13.05 8.36
N VAL B 146 1.98 12.36 8.89
CA VAL B 146 0.59 12.72 8.66
C VAL B 146 -0.09 12.93 10.00
N LEU B 147 -0.32 14.21 10.28
CA LEU B 147 -1.03 14.65 11.48
C LEU B 147 -2.52 14.39 11.36
N GLN B 148 -3.10 13.83 12.41
CA GLN B 148 -4.55 13.77 12.53
C GLN B 148 -5.06 15.11 13.04
N ALA B 149 -6.35 15.36 12.85
CA ALA B 149 -6.94 16.65 13.18
C ALA B 149 -6.74 17.01 14.67
N ASP B 150 -6.93 16.05 15.56
CA ASP B 150 -6.78 16.34 16.99
C ASP B 150 -5.32 16.69 17.36
N THR B 151 -4.34 16.00 16.77
CA THR B 151 -2.94 16.29 17.02
C THR B 151 -2.59 17.70 16.52
N LEU B 152 -3.05 18.01 15.32
CA LEU B 152 -2.82 19.34 14.77
C LEU B 152 -3.46 20.45 15.62
N ALA B 153 -4.67 20.22 16.11
CA ALA B 153 -5.33 21.18 17.01
C ALA B 153 -4.48 21.45 18.25
N ARG B 154 -3.92 20.38 18.82
CA ARG B 154 -3.06 20.49 20.00
C ARG B 154 -1.83 21.35 19.68
N LEU B 155 -1.21 21.11 18.51
CA LEU B 155 -0.09 21.94 18.07
C LEU B 155 -0.48 23.41 17.87
N CYS B 156 -1.65 23.65 17.31
CA CYS B 156 -2.12 25.01 17.07
C CYS B 156 -2.33 25.77 18.38
N ASP B 157 -2.91 25.08 19.36
CA ASP B 157 -3.13 25.65 20.69
C ASP B 157 -1.83 26.00 21.39
N GLU B 158 -0.76 25.24 21.12
CA GLU B 158 0.48 25.43 21.87
CA GLU B 158 0.50 25.39 21.86
C GLU B 158 1.55 26.23 21.13
N CYS B 159 1.40 26.35 19.81
CA CYS B 159 2.37 27.05 18.97
C CYS B 159 1.72 28.13 18.12
N PRO B 160 1.69 29.38 18.63
CA PRO B 160 0.96 30.42 17.89
C PRO B 160 1.61 30.73 16.54
N ASN B 161 2.90 30.43 16.40
CA ASN B 161 3.55 30.70 15.11
C ASN B 161 3.32 29.62 14.04
N LEU B 162 2.64 28.53 14.40
CA LEU B 162 2.18 27.55 13.43
C LEU B 162 0.96 28.14 12.74
N VAL B 163 1.09 28.55 11.47
CA VAL B 163 0.01 29.31 10.84
C VAL B 163 -0.47 28.71 9.52
N GLY B 164 0.20 27.67 9.05
CA GLY B 164 -0.17 27.06 7.79
C GLY B 164 -0.15 25.55 7.82
N PHE B 165 -0.97 24.95 6.94
CA PHE B 165 -1.08 23.51 6.76
C PHE B 165 -1.05 23.19 5.29
N LYS B 166 -0.06 22.40 4.87
CA LYS B 166 0.07 22.03 3.46
C LYS B 166 -0.19 20.54 3.32
N ASP B 167 -1.01 20.16 2.35
CA ASP B 167 -1.31 18.75 2.19
C ASP B 167 -0.68 18.13 0.96
N GLY B 168 -0.02 16.99 1.17
CA GLY B 168 0.52 16.18 0.09
C GLY B 168 -0.02 14.73 0.11
N THR B 169 -1.07 14.49 0.89
CA THR B 169 -1.65 13.13 0.98
C THR B 169 -2.68 12.86 -0.09
N GLY B 170 -3.41 13.89 -0.48
CA GLY B 170 -4.54 13.73 -1.38
C GLY B 170 -5.76 13.12 -0.70
N ASP B 171 -5.71 12.99 0.62
CA ASP B 171 -6.78 12.41 1.41
C ASP B 171 -7.87 13.44 1.72
N ILE B 172 -8.91 13.50 0.88
CA ILE B 172 -9.96 14.49 1.03
CA ILE B 172 -9.92 14.54 1.04
C ILE B 172 -10.70 14.38 2.35
N GLY B 173 -10.92 13.15 2.79
CA GLY B 173 -11.69 12.93 3.98
C GLY B 173 -11.00 13.58 5.15
N LEU B 174 -9.69 13.37 5.21
CA LEU B 174 -8.89 13.92 6.30
C LEU B 174 -8.75 15.45 6.18
N VAL B 175 -8.45 15.97 5.00
CA VAL B 175 -8.16 17.40 4.95
C VAL B 175 -9.46 18.19 5.19
N ARG B 176 -10.60 17.68 4.77
CA ARG B 176 -11.83 18.37 5.07
C ARG B 176 -12.15 18.37 6.57
N GLN B 177 -11.82 17.28 7.25
CA GLN B 177 -11.97 17.22 8.70
C GLN B 177 -11.09 18.29 9.37
N ILE B 178 -9.86 18.42 8.85
CA ILE B 178 -8.91 19.37 9.40
C ILE B 178 -9.40 20.82 9.22
N THR B 179 -9.89 21.17 8.03
CA THR B 179 -10.41 22.51 7.84
C THR B 179 -11.69 22.77 8.65
N ALA B 180 -12.58 21.79 8.75
CA ALA B 180 -13.73 21.90 9.64
C ALA B 180 -13.32 22.17 11.09
N LYS B 181 -12.30 21.45 11.56
CA LYS B 181 -11.89 21.55 12.95
C LYS B 181 -11.19 22.87 13.28
N MET B 182 -10.27 23.30 12.41
CA MET B 182 -9.43 24.44 12.71
C MET B 182 -9.95 25.78 12.16
N GLY B 183 -10.79 25.75 11.13
CA GLY B 183 -11.28 26.99 10.53
C GLY B 183 -10.18 27.95 10.15
N ASP B 184 -10.35 29.23 10.46
CA ASP B 184 -9.39 30.23 9.99
C ASP B 184 -8.17 30.33 10.86
N ARG B 185 -7.99 29.39 11.79
CA ARG B 185 -6.78 29.35 12.60
C ARG B 185 -5.54 29.10 11.72
N LEU B 186 -5.77 28.41 10.61
CA LEU B 186 -4.70 28.03 9.68
C LEU B 186 -5.03 28.43 8.27
N MET B 187 -4.00 28.74 7.50
CA MET B 187 -4.09 28.84 6.05
C MET B 187 -3.83 27.48 5.41
N TYR B 188 -4.72 27.09 4.49
CA TYR B 188 -4.66 25.75 3.91
C TYR B 188 -4.07 25.80 2.51
N LEU B 189 -2.99 25.06 2.34
CA LEU B 189 -2.20 25.06 1.10
C LEU B 189 -2.21 23.71 0.39
N GLY B 190 -2.67 23.69 -0.86
CA GLY B 190 -2.57 22.49 -1.66
C GLY B 190 -1.12 22.15 -1.96
N GLY B 191 -0.78 20.88 -1.79
CA GLY B 191 0.57 20.44 -1.99
C GLY B 191 0.80 19.16 -2.75
N MET B 192 -0.17 18.73 -3.56
CA MET B 192 0.08 17.57 -4.40
C MET B 192 1.08 17.96 -5.48
N PRO B 193 1.74 16.96 -6.06
N PRO B 193 1.82 17.02 -6.06
CA PRO B 193 2.46 17.10 -7.32
CA PRO B 193 3.01 17.47 -6.83
C PRO B 193 1.50 17.58 -8.40
C PRO B 193 2.73 18.38 -8.07
N THR B 194 1.89 18.62 -9.11
N THR B 194 1.60 18.18 -8.74
CA THR B 194 1.05 19.21 -10.14
CA THR B 194 1.17 19.05 -9.84
C THR B 194 -0.31 19.54 -9.52
C THR B 194 -0.24 19.47 -9.45
N ALA B 195 -0.30 20.49 -8.59
CA ALA B 195 -1.45 20.74 -7.76
C ALA B 195 -2.71 21.21 -8.51
N GLU B 196 -2.54 21.74 -9.72
CA GLU B 196 -3.71 22.19 -10.49
C GLU B 196 -4.68 21.03 -10.77
N LEU B 197 -4.16 19.80 -10.82
CA LEU B 197 -5.03 18.61 -10.99
C LEU B 197 -6.02 18.42 -9.84
N PHE B 198 -5.74 19.03 -8.70
CA PHE B 198 -6.49 18.84 -7.47
C PHE B 198 -7.21 20.11 -7.04
N ALA B 199 -6.91 21.24 -7.67
CA ALA B 199 -7.30 22.52 -7.10
C ALA B 199 -8.80 22.77 -7.03
N GLU B 200 -9.55 22.34 -8.04
CA GLU B 200 -10.98 22.59 -8.04
C GLU B 200 -11.67 21.78 -6.94
N ALA B 201 -11.26 20.52 -6.78
CA ALA B 201 -11.75 19.71 -5.68
C ALA B 201 -11.32 20.29 -4.33
N TYR B 202 -10.06 20.73 -4.23
CA TYR B 202 -9.57 21.22 -2.94
C TYR B 202 -10.27 22.52 -2.49
N LEU B 203 -10.79 23.30 -3.43
CA LEU B 203 -11.63 24.45 -3.04
C LEU B 203 -12.76 24.07 -2.10
N GLY B 204 -13.51 23.06 -2.49
CA GLY B 204 -14.58 22.54 -1.65
C GLY B 204 -14.12 22.04 -0.30
N ALA B 205 -12.91 21.49 -0.26
CA ALA B 205 -12.30 21.04 0.99
C ALA B 205 -11.86 22.21 1.88
N GLY B 206 -11.80 23.42 1.31
CA GLY B 206 -11.47 24.64 2.03
C GLY B 206 -10.12 25.26 1.70
N PHE B 207 -9.49 24.78 0.63
CA PHE B 207 -8.15 25.25 0.21
C PHE B 207 -8.32 26.18 -0.98
N THR B 208 -7.81 27.42 -0.90
CA THR B 208 -7.95 28.32 -2.04
C THR B 208 -6.60 28.70 -2.64
N THR B 209 -5.53 28.02 -2.23
CA THR B 209 -4.28 28.16 -2.93
C THR B 209 -3.48 26.87 -2.83
N TYR B 210 -2.33 26.87 -3.48
CA TYR B 210 -1.49 25.69 -3.67
C TYR B 210 -0.14 26.13 -4.22
N SER B 211 0.84 25.23 -4.10
CA SER B 211 2.10 25.36 -4.82
C SER B 211 1.83 25.02 -6.28
N SER B 212 2.20 25.92 -7.19
CA SER B 212 2.20 25.63 -8.62
C SER B 212 3.62 25.34 -9.06
N ALA B 213 4.01 24.09 -9.11
CA ALA B 213 5.34 23.77 -9.57
C ALA B 213 5.54 24.27 -11.02
N VAL B 214 4.51 24.18 -11.86
CA VAL B 214 4.73 24.54 -13.27
C VAL B 214 4.89 26.05 -13.45
N PHE B 215 4.45 26.84 -12.46
CA PHE B 215 4.75 28.31 -12.43
C PHE B 215 6.24 28.60 -12.66
N ASN B 216 7.11 27.64 -12.33
CA ASN B 216 8.54 27.75 -12.62
C ASN B 216 8.83 28.08 -14.08
N PHE B 217 8.04 27.53 -15.01
CA PHE B 217 8.37 27.69 -16.41
C PHE B 217 7.20 28.15 -17.28
N VAL B 218 5.96 28.05 -16.82
CA VAL B 218 4.84 28.71 -17.53
C VAL B 218 4.00 29.51 -16.52
N PRO B 219 4.62 30.56 -15.89
CA PRO B 219 3.88 31.30 -14.87
C PRO B 219 2.65 32.02 -15.43
N GLY B 220 2.65 32.37 -16.70
CA GLY B 220 1.49 33.05 -17.24
C GLY B 220 0.32 32.07 -17.31
N LEU B 221 0.64 30.82 -17.63
CA LEU B 221 -0.37 29.78 -17.72
C LEU B 221 -0.86 29.43 -16.32
N ALA B 222 0.07 29.26 -15.39
CA ALA B 222 -0.34 29.01 -14.01
C ALA B 222 -1.20 30.14 -13.39
N ASN B 223 -0.81 31.38 -13.63
CA ASN B 223 -1.58 32.50 -13.14
C ASN B 223 -3.00 32.52 -13.73
N GLU B 224 -3.16 32.18 -15.01
CA GLU B 224 -4.47 32.20 -15.63
C GLU B 224 -5.33 31.09 -15.05
N PHE B 225 -4.74 29.92 -14.84
CA PHE B 225 -5.51 28.83 -14.26
C PHE B 225 -5.99 29.26 -12.89
N TYR B 226 -5.08 29.85 -12.10
CA TYR B 226 -5.45 30.26 -10.76
C TYR B 226 -6.57 31.30 -10.76
N ALA B 227 -6.49 32.27 -11.66
CA ALA B 227 -7.50 33.31 -11.75
C ALA B 227 -8.86 32.72 -12.10
N ALA B 228 -8.86 31.77 -13.04
CA ALA B 228 -10.06 31.09 -13.49
C ALA B 228 -10.66 30.29 -12.34
N LEU B 229 -9.80 29.58 -11.63
CA LEU B 229 -10.23 28.85 -10.45
C LEU B 229 -10.98 29.76 -9.46
N ARG B 230 -10.35 30.88 -9.07
CA ARG B 230 -10.92 31.73 -8.03
C ARG B 230 -12.16 32.46 -8.53
N ALA B 231 -12.28 32.58 -9.86
CA ALA B 231 -13.41 33.26 -10.49
C ALA B 231 -14.58 32.30 -10.78
N GLY B 232 -14.35 31.01 -10.58
CA GLY B 232 -15.38 30.02 -10.85
C GLY B 232 -15.56 29.75 -12.33
N GLU B 233 -14.54 30.10 -13.13
CA GLU B 233 -14.57 29.93 -14.58
C GLU B 233 -14.14 28.51 -14.97
N ARG B 234 -15.07 27.59 -14.82
CA ARG B 234 -14.77 26.17 -14.93
C ARG B 234 -14.33 25.79 -16.33
N ALA B 235 -14.95 26.33 -17.38
CA ALA B 235 -14.52 25.96 -18.73
C ALA B 235 -13.07 26.31 -19.01
N THR B 236 -12.60 27.43 -18.46
CA THR B 236 -11.20 27.85 -18.63
C THR B 236 -10.27 26.90 -17.87
N CYS B 237 -10.60 26.57 -16.64
CA CYS B 237 -9.81 25.60 -15.89
C CYS B 237 -9.74 24.27 -16.65
N GLU B 238 -10.87 23.80 -17.16
CA GLU B 238 -10.90 22.53 -17.85
C GLU B 238 -10.11 22.54 -19.14
N ARG B 239 -10.16 23.62 -19.91
CA ARG B 239 -9.41 23.70 -21.16
CA ARG B 239 -9.40 23.70 -21.16
C ARG B 239 -7.91 23.60 -20.87
N ILE B 240 -7.49 24.31 -19.84
CA ILE B 240 -6.08 24.30 -19.46
C ILE B 240 -5.65 22.91 -18.92
N LEU B 241 -6.50 22.27 -18.12
CA LEU B 241 -6.25 20.88 -17.72
C LEU B 241 -6.08 19.97 -18.94
N VAL B 242 -7.05 20.00 -19.87
CA VAL B 242 -6.99 19.10 -21.01
C VAL B 242 -5.85 19.38 -21.99
N ASP B 243 -5.54 20.66 -22.23
CA ASP B 243 -4.55 21.03 -23.24
C ASP B 243 -3.13 21.07 -22.70
N PHE B 244 -2.99 21.33 -21.40
CA PHE B 244 -1.66 21.41 -20.81
C PHE B 244 -1.41 20.40 -19.68
N PHE B 245 -2.24 20.36 -18.65
CA PHE B 245 -1.84 19.56 -17.48
C PHE B 245 -1.91 18.05 -17.69
N TYR B 246 -2.92 17.51 -18.36
CA TYR B 246 -2.90 16.04 -18.49
C TYR B 246 -1.78 15.63 -19.46
N PRO B 247 -1.50 16.47 -20.49
CA PRO B 247 -0.33 16.09 -21.28
C PRO B 247 0.98 16.18 -20.48
N PHE B 248 1.06 17.15 -19.58
CA PHE B 248 2.26 17.30 -18.73
C PHE B 248 2.40 16.07 -17.83
N MET B 249 1.26 15.65 -17.28
N MET B 249 1.28 15.63 -17.27
CA MET B 249 1.16 14.46 -16.42
CA MET B 249 1.26 14.44 -16.42
C MET B 249 1.69 13.20 -17.12
C MET B 249 1.76 13.20 -17.14
N ALA B 250 1.38 13.05 -18.40
CA ALA B 250 1.87 11.91 -19.20
C ALA B 250 3.38 11.86 -19.29
N ILE B 251 4.01 13.02 -19.38
CA ILE B 251 5.45 13.09 -19.36
C ILE B 251 5.95 12.80 -17.94
N ARG B 252 5.38 13.49 -16.96
N ARG B 252 5.34 13.48 -16.97
CA ARG B 252 5.76 13.31 -15.56
CA ARG B 252 5.70 13.35 -15.56
C ARG B 252 5.70 11.85 -15.11
C ARG B 252 5.61 11.91 -15.02
N ASN B 253 4.66 11.15 -15.53
CA ASN B 253 4.45 9.77 -15.07
C ASN B 253 5.41 8.74 -15.68
N ARG B 254 6.31 9.17 -16.55
CA ARG B 254 7.24 8.25 -17.19
C ARG B 254 8.32 7.71 -16.26
N ALA B 255 8.61 8.44 -15.17
CA ALA B 255 9.65 7.98 -14.23
C ALA B 255 9.44 8.56 -12.84
N LYS B 256 9.89 7.85 -11.81
CA LYS B 256 9.87 8.40 -10.48
C LYS B 256 10.67 9.70 -10.40
N GLY B 257 10.16 10.64 -9.62
CA GLY B 257 10.84 11.90 -9.37
C GLY B 257 10.66 12.94 -10.47
N TYR B 258 9.97 12.59 -11.54
CA TYR B 258 9.80 13.56 -12.62
C TYR B 258 8.89 14.72 -12.25
N ALA B 259 8.17 14.65 -11.12
CA ALA B 259 7.43 15.82 -10.65
C ALA B 259 8.38 16.99 -10.41
N VAL B 260 9.62 16.66 -10.08
CA VAL B 260 10.69 17.67 -9.98
C VAL B 260 11.46 17.76 -11.29
N SER B 261 11.93 16.64 -11.82
CA SER B 261 12.82 16.67 -12.98
C SER B 261 12.17 17.34 -14.22
N ALA B 262 10.90 17.04 -14.46
CA ALA B 262 10.24 17.65 -15.63
C ALA B 262 10.10 19.18 -15.48
N VAL B 263 9.87 19.64 -14.25
CA VAL B 263 9.72 21.06 -13.99
C VAL B 263 11.09 21.73 -14.25
N LYS B 264 12.17 21.11 -13.77
CA LYS B 264 13.49 21.67 -13.97
C LYS B 264 13.84 21.70 -15.47
N ALA B 265 13.43 20.65 -16.20
CA ALA B 265 13.64 20.62 -17.64
C ALA B 265 12.88 21.76 -18.32
N GLY B 266 11.69 22.07 -17.82
CA GLY B 266 10.91 23.15 -18.40
C GLY B 266 11.57 24.50 -18.18
N VAL B 267 12.16 24.68 -17.01
CA VAL B 267 12.91 25.91 -16.74
C VAL B 267 14.10 26.05 -17.71
N ARG B 268 14.83 24.95 -17.97
CA ARG B 268 15.96 25.00 -18.88
C ARG B 268 15.47 25.31 -20.31
N LEU B 269 14.32 24.76 -20.69
CA LEU B 269 13.75 25.03 -22.01
C LEU B 269 13.35 26.48 -22.21
N GLN B 270 13.03 27.15 -21.11
CA GLN B 270 12.71 28.57 -21.16
C GLN B 270 13.93 29.47 -21.06
N GLY B 271 15.13 28.89 -21.19
CA GLY B 271 16.35 29.67 -21.30
C GLY B 271 17.06 30.02 -20.02
N PHE B 272 16.68 29.39 -18.90
CA PHE B 272 17.40 29.57 -17.64
C PHE B 272 18.32 28.40 -17.39
N ASN B 273 19.52 28.72 -16.92
CA ASN B 273 20.57 27.74 -16.74
CA ASN B 273 20.57 27.74 -16.71
C ASN B 273 20.40 26.95 -15.41
N ALA B 274 19.26 26.30 -15.23
CA ALA B 274 19.00 25.64 -13.92
C ALA B 274 19.85 24.39 -13.68
N GLY B 275 20.41 23.84 -14.74
CA GLY B 275 21.32 22.71 -14.65
C GLY B 275 20.66 21.39 -14.31
N PRO B 276 21.49 20.39 -13.95
CA PRO B 276 20.99 19.05 -13.67
C PRO B 276 20.28 18.95 -12.34
N VAL B 277 19.50 17.89 -12.19
CA VAL B 277 19.05 17.48 -10.86
C VAL B 277 20.20 16.77 -10.16
N ARG B 278 20.13 16.73 -8.85
CA ARG B 278 21.04 15.89 -8.06
C ARG B 278 20.48 14.50 -7.94
N ALA B 279 21.37 13.50 -8.01
CA ALA B 279 20.93 12.13 -7.69
C ALA B 279 20.38 12.18 -6.27
N PRO B 280 19.39 11.35 -5.94
CA PRO B 280 18.91 10.23 -6.76
C PRO B 280 17.76 10.55 -7.72
N LEU B 281 17.52 11.82 -8.01
CA LEU B 281 16.68 12.14 -9.18
C LEU B 281 17.49 11.89 -10.43
N LYS B 282 16.80 11.72 -11.54
CA LYS B 282 17.45 11.70 -12.84
CA LYS B 282 17.45 11.70 -12.84
C LYS B 282 16.81 12.75 -13.75
N ASP B 283 17.58 13.23 -14.72
CA ASP B 283 17.04 14.20 -15.67
C ASP B 283 16.27 13.50 -16.78
N LEU B 284 15.36 14.24 -17.39
CA LEU B 284 14.63 13.72 -18.53
C LEU B 284 15.58 13.35 -19.67
N THR B 285 15.18 12.35 -20.44
CA THR B 285 15.88 12.01 -21.67
C THR B 285 15.71 13.09 -22.74
N ASN B 286 16.58 13.06 -23.73
CA ASN B 286 16.46 14.01 -24.83
C ASN B 286 15.09 13.92 -25.49
N GLU B 287 14.59 12.70 -25.62
CA GLU B 287 13.27 12.47 -26.20
C GLU B 287 12.22 13.15 -25.34
N GLU B 288 12.34 12.99 -24.02
CA GLU B 288 11.37 13.56 -23.12
C GLU B 288 11.42 15.09 -23.08
N ILE B 289 12.61 15.65 -23.18
CA ILE B 289 12.79 17.09 -23.22
C ILE B 289 12.07 17.60 -24.46
N GLY B 290 12.23 16.85 -25.55
CA GLY B 290 11.53 17.17 -26.79
C GLY B 290 10.02 17.17 -26.65
N MET B 291 9.46 16.19 -25.95
CA MET B 291 8.02 16.16 -25.69
C MET B 291 7.56 17.41 -24.92
N LEU B 292 8.38 17.84 -23.96
CA LEU B 292 8.00 18.94 -23.10
C LEU B 292 8.10 20.27 -23.88
N GLU B 293 9.13 20.36 -24.71
CA GLU B 293 9.34 21.55 -25.53
C GLU B 293 8.10 21.73 -26.41
N ALA B 294 7.67 20.62 -27.00
CA ALA B 294 6.52 20.67 -27.90
C ALA B 294 5.29 21.13 -27.12
N LEU B 295 5.10 20.60 -25.91
CA LEU B 295 3.98 20.98 -25.07
C LEU B 295 4.00 22.47 -24.70
N ILE B 296 5.17 23.00 -24.36
CA ILE B 296 5.28 24.41 -23.96
C ILE B 296 4.79 25.27 -25.14
N GLY B 297 5.26 24.96 -26.33
CA GLY B 297 4.66 25.47 -27.55
C GLY B 297 4.50 26.98 -27.60
N THR B 298 3.25 27.45 -27.65
CA THR B 298 2.95 28.89 -27.74
C THR B 298 3.41 29.68 -26.51
N HIS B 299 3.75 28.96 -25.43
CA HIS B 299 4.13 29.60 -24.18
C HIS B 299 5.64 29.80 -24.02
N LYS B 300 6.41 29.50 -25.08
CA LYS B 300 7.84 29.75 -25.07
CA LYS B 300 7.84 29.75 -25.07
C LYS B 300 8.19 31.21 -24.77
N ARG B 301 9.18 31.40 -23.90
CA ARG B 301 9.67 32.72 -23.45
C ARG B 301 10.60 33.38 -24.46
N LYS B 302 11.19 32.57 -25.33
CA LYS B 302 12.13 33.04 -26.33
C LYS B 302 12.15 32.01 -27.48
N ALA B 303 12.91 32.31 -28.52
CA ALA B 303 13.22 31.32 -29.53
C ALA B 303 14.44 30.54 -29.05
N MET C 1 -37.62 1.80 -17.55
CA MET C 1 -37.37 3.06 -18.30
C MET C 1 -36.09 2.91 -19.13
N ASP C 2 -35.86 3.84 -20.04
CA ASP C 2 -34.74 3.72 -20.96
C ASP C 2 -33.53 4.43 -20.35
N PRO C 3 -32.33 4.14 -20.87
CA PRO C 3 -31.09 4.68 -20.26
C PRO C 3 -31.06 6.20 -20.14
N GLU C 4 -31.59 6.93 -21.10
CA GLU C 4 -31.57 8.38 -20.96
C GLU C 4 -32.45 8.85 -19.79
N GLN C 5 -33.51 8.11 -19.49
CA GLN C 5 -34.39 8.46 -18.38
C GLN C 5 -33.78 8.14 -17.01
N ILE C 6 -33.03 7.04 -16.89
CA ILE C 6 -32.41 6.78 -15.59
C ILE C 6 -31.24 7.77 -15.43
N LYS C 7 -30.62 8.15 -16.54
CA LYS C 7 -29.57 9.18 -16.49
C LYS C 7 -30.10 10.47 -15.89
N THR C 8 -31.23 10.94 -16.37
CA THR C 8 -31.86 12.14 -15.84
C THR C 8 -32.19 12.00 -14.35
N ALA C 9 -32.75 10.87 -13.95
CA ALA C 9 -33.13 10.65 -12.56
C ALA C 9 -31.89 10.66 -11.65
N LEU C 10 -30.80 10.11 -12.15
CA LEU C 10 -29.56 10.06 -11.36
C LEU C 10 -29.06 11.46 -11.00
N GLY C 11 -29.31 12.41 -11.89
CA GLY C 11 -28.88 13.78 -11.67
C GLY C 11 -29.93 14.68 -11.04
N SER C 12 -31.00 14.09 -10.52
CA SER C 12 -32.10 14.88 -9.98
C SER C 12 -32.15 14.89 -8.44
N GLY C 13 -31.15 14.34 -7.76
CA GLY C 13 -31.12 14.46 -6.31
C GLY C 13 -30.18 13.51 -5.59
N LEU C 14 -30.46 13.28 -4.32
CA LEU C 14 -29.69 12.40 -3.46
C LEU C 14 -30.04 10.94 -3.69
N LEU C 15 -29.03 10.07 -3.71
CA LEU C 15 -29.23 8.65 -3.92
C LEU C 15 -29.02 7.87 -2.63
N SER C 16 -29.63 6.72 -2.50
CA SER C 16 -29.19 5.84 -1.41
C SER C 16 -29.39 4.40 -1.78
N PHE C 17 -28.83 3.59 -0.91
CA PHE C 17 -28.61 2.19 -1.10
C PHE C 17 -29.23 1.49 0.08
N PRO C 18 -30.48 1.04 -0.04
CA PRO C 18 -31.03 0.44 1.17
C PRO C 18 -30.30 -0.82 1.63
N VAL C 19 -30.19 -1.02 2.94
CA VAL C 19 -29.70 -2.27 3.45
C VAL C 19 -30.69 -3.39 3.07
N THR C 20 -30.15 -4.59 2.93
CA THR C 20 -30.96 -5.77 2.61
C THR C 20 -31.33 -6.45 3.91
N HIS C 21 -32.63 -6.62 4.15
CA HIS C 21 -33.13 -7.15 5.40
C HIS C 21 -33.09 -8.69 5.40
N PHE C 22 -32.59 -9.25 6.49
CA PHE C 22 -32.57 -10.70 6.68
C PHE C 22 -33.32 -11.09 7.96
N ASP C 23 -33.94 -12.28 7.98
CA ASP C 23 -34.47 -12.82 9.23
C ASP C 23 -33.32 -13.39 10.07
N ALA C 24 -33.66 -14.03 11.19
CA ALA C 24 -32.65 -14.57 12.10
C ALA C 24 -31.76 -15.60 11.39
N GLU C 25 -32.37 -16.31 10.46
CA GLU C 25 -31.73 -17.36 9.68
C GLU C 25 -30.89 -16.80 8.52
N GLY C 26 -30.92 -15.48 8.35
CA GLY C 26 -30.14 -14.83 7.31
C GLY C 26 -30.83 -14.83 5.95
N ARG C 27 -32.08 -15.28 5.89
CA ARG C 27 -32.86 -15.25 4.65
C ARG C 27 -33.53 -13.89 4.39
N PHE C 28 -33.69 -13.53 3.12
CA PHE C 28 -34.32 -12.24 2.76
C PHE C 28 -35.71 -12.08 3.39
N ALA C 29 -35.88 -10.98 4.10
CA ALA C 29 -37.15 -10.62 4.72
C ALA C 29 -37.86 -9.52 3.92
N ALA C 30 -38.66 -9.94 2.94
CA ALA C 30 -39.24 -9.00 1.98
C ALA C 30 -40.23 -8.02 2.59
N ASP C 31 -41.08 -8.51 3.49
CA ASP C 31 -42.04 -7.67 4.19
CA ASP C 31 -42.05 -7.67 4.20
C ASP C 31 -41.35 -6.49 4.88
N SER C 32 -40.31 -6.81 5.62
CA SER C 32 -39.56 -5.79 6.35
C SER C 32 -38.86 -4.81 5.40
N TYR C 33 -38.19 -5.38 4.41
CA TYR C 33 -37.52 -4.59 3.38
C TYR C 33 -38.49 -3.61 2.73
N ARG C 34 -39.68 -4.08 2.34
CA ARG C 34 -40.64 -3.19 1.68
C ARG C 34 -41.11 -2.07 2.62
N GLU C 35 -41.27 -2.39 3.91
CA GLU C 35 -41.70 -1.42 4.90
C GLU C 35 -40.66 -0.29 4.94
N HIS C 36 -39.40 -0.70 4.97
CA HIS C 36 -38.29 0.25 5.07
C HIS C 36 -38.12 1.08 3.79
N VAL C 37 -38.13 0.41 2.63
CA VAL C 37 -38.01 1.09 1.35
C VAL C 37 -39.16 2.09 1.16
N GLU C 38 -40.33 1.73 1.65
CA GLU C 38 -41.51 2.60 1.48
C GLU C 38 -41.33 3.89 2.27
N TRP C 39 -40.81 3.75 3.48
CA TRP C 39 -40.47 4.88 4.33
C TRP C 39 -39.40 5.77 3.70
N LEU C 40 -38.38 5.16 3.10
CA LEU C 40 -37.32 5.91 2.44
C LEU C 40 -37.85 6.70 1.24
N ALA C 41 -38.73 6.10 0.45
CA ALA C 41 -39.28 6.76 -0.72
C ALA C 41 -40.02 8.04 -0.31
N GLY C 42 -40.55 8.03 0.91
CA GLY C 42 -41.18 9.19 1.48
C GLY C 42 -40.25 10.38 1.58
N TYR C 43 -38.95 10.11 1.61
CA TYR C 43 -37.95 11.15 1.76
C TYR C 43 -37.37 11.55 0.39
N LYS C 44 -37.97 11.01 -0.66
CA LYS C 44 -37.91 11.55 -2.02
C LYS C 44 -36.56 11.44 -2.75
N ALA C 45 -35.75 10.44 -2.40
CA ALA C 45 -34.59 10.13 -3.24
C ALA C 45 -35.05 9.69 -4.61
N PRO C 46 -34.53 10.30 -5.69
CA PRO C 46 -35.00 9.92 -7.02
C PRO C 46 -34.58 8.55 -7.50
N VAL C 47 -33.52 8.00 -6.92
CA VAL C 47 -33.06 6.67 -7.29
C VAL C 47 -32.67 5.92 -6.01
N LEU C 48 -33.13 4.69 -5.89
CA LEU C 48 -32.62 3.81 -4.83
C LEU C 48 -31.97 2.61 -5.50
N PHE C 49 -30.80 2.25 -5.01
CA PHE C 49 -30.01 1.15 -5.53
C PHE C 49 -30.29 -0.07 -4.66
N ALA C 50 -31.03 -1.02 -5.21
CA ALA C 50 -31.27 -2.26 -4.49
C ALA C 50 -30.14 -3.26 -4.64
N ALA C 51 -29.78 -3.89 -3.52
CA ALA C 51 -28.71 -4.86 -3.52
C ALA C 51 -27.40 -4.26 -4.05
N GLY C 52 -27.09 -3.06 -3.58
CA GLY C 52 -25.76 -2.47 -3.75
C GLY C 52 -24.84 -2.92 -2.64
N GLY C 53 -23.71 -2.23 -2.45
CA GLY C 53 -22.78 -2.57 -1.38
C GLY C 53 -23.36 -2.46 0.02
N THR C 54 -24.01 -1.34 0.31
CA THR C 54 -24.64 -1.15 1.61
C THR C 54 -25.72 -2.23 1.76
N GLY C 55 -26.28 -2.64 0.63
CA GLY C 55 -27.25 -3.74 0.62
C GLY C 55 -26.67 -5.15 0.64
N GLU C 56 -25.38 -5.25 0.94
CA GLU C 56 -24.66 -6.52 1.02
C GLU C 56 -24.71 -7.38 -0.26
N PHE C 57 -24.62 -6.73 -1.42
CA PHE C 57 -24.54 -7.42 -2.71
C PHE C 57 -23.55 -8.58 -2.68
N PHE C 58 -22.37 -8.30 -2.13
CA PHE C 58 -21.26 -9.25 -2.06
C PHE C 58 -21.54 -10.52 -1.23
N SER C 59 -22.69 -10.57 -0.53
CA SER C 59 -23.07 -11.73 0.26
C SER C 59 -24.38 -12.35 -0.19
N LEU C 60 -24.88 -11.90 -1.35
CA LEU C 60 -26.13 -12.40 -1.91
C LEU C 60 -25.88 -13.45 -3.00
N LYS C 61 -26.69 -14.51 -3.00
CA LYS C 61 -26.72 -15.41 -4.16
C LYS C 61 -27.27 -14.69 -5.38
N PRO C 62 -26.74 -14.99 -6.58
CA PRO C 62 -27.27 -14.33 -7.77
C PRO C 62 -28.79 -14.42 -7.88
N ASP C 63 -29.40 -15.53 -7.45
CA ASP C 63 -30.85 -15.66 -7.65
C ASP C 63 -31.64 -14.92 -6.56
N GLU C 64 -30.95 -14.36 -5.57
CA GLU C 64 -31.63 -13.52 -4.58
C GLU C 64 -31.82 -12.09 -5.08
N ILE C 65 -31.02 -11.68 -6.06
CA ILE C 65 -30.96 -10.28 -6.41
C ILE C 65 -32.28 -9.83 -7.08
N PRO C 66 -32.82 -10.63 -8.02
CA PRO C 66 -34.09 -10.12 -8.58
C PRO C 66 -35.26 -10.15 -7.57
N THR C 67 -35.23 -11.03 -6.58
CA THR C 67 -36.23 -11.02 -5.53
C THR C 67 -36.22 -9.70 -4.77
N ILE C 68 -35.02 -9.22 -4.46
CA ILE C 68 -34.89 -7.97 -3.72
C ILE C 68 -35.30 -6.76 -4.58
N VAL C 69 -34.84 -6.73 -5.82
CA VAL C 69 -35.19 -5.67 -6.76
C VAL C 69 -36.72 -5.60 -6.89
N ALA C 70 -37.34 -6.77 -7.01
CA ALA C 70 -38.79 -6.82 -7.15
C ALA C 70 -39.51 -6.27 -5.91
N ALA C 71 -39.01 -6.61 -4.73
CA ALA C 71 -39.61 -6.09 -3.50
C ALA C 71 -39.51 -4.57 -3.45
N ALA C 72 -38.38 -4.00 -3.83
CA ALA C 72 -38.24 -2.56 -3.82
C ALA C 72 -39.20 -1.89 -4.82
N LYS C 73 -39.27 -2.45 -6.02
CA LYS C 73 -40.15 -1.98 -7.07
C LYS C 73 -41.63 -1.92 -6.67
N GLU C 74 -42.06 -2.81 -5.79
CA GLU C 74 -43.44 -2.81 -5.34
C GLU C 74 -43.83 -1.53 -4.61
N VAL C 75 -42.90 -0.94 -3.86
CA VAL C 75 -43.23 0.17 -2.97
C VAL C 75 -42.48 1.47 -3.27
N ALA C 76 -41.72 1.46 -4.34
CA ALA C 76 -40.82 2.58 -4.63
C ALA C 76 -41.53 3.80 -5.23
N GLY C 77 -42.70 3.59 -5.82
CA GLY C 77 -43.50 4.68 -6.35
C GLY C 77 -42.78 5.47 -7.42
N GLU C 78 -42.51 6.75 -7.15
CA GLU C 78 -41.84 7.63 -8.10
C GLU C 78 -40.32 7.43 -8.12
N THR C 79 -39.79 6.73 -7.13
CA THR C 79 -38.37 6.43 -7.09
C THR C 79 -37.98 5.35 -8.13
N ALA C 80 -36.97 5.64 -8.95
CA ALA C 80 -36.38 4.62 -9.81
C ALA C 80 -35.55 3.63 -8.98
N ILE C 81 -35.49 2.38 -9.44
CA ILE C 81 -34.74 1.34 -8.74
C ILE C 81 -33.64 0.81 -9.66
N VAL C 82 -32.41 0.93 -9.19
CA VAL C 82 -31.27 0.40 -9.89
C VAL C 82 -30.78 -0.81 -9.11
N SER C 83 -30.42 -1.86 -9.83
CA SER C 83 -29.95 -3.08 -9.22
C SER C 83 -28.44 -3.20 -9.17
N GLY C 84 -27.93 -3.71 -8.06
CA GLY C 84 -26.55 -4.13 -8.02
C GLY C 84 -26.31 -5.29 -8.97
N CYS C 85 -25.09 -5.37 -9.46
CA CYS C 85 -24.66 -6.42 -10.37
C CYS C 85 -23.14 -6.56 -10.14
N GLY C 86 -22.57 -7.70 -10.46
CA GLY C 86 -21.13 -7.87 -10.35
C GLY C 86 -20.66 -9.28 -10.58
N TYR C 87 -19.56 -9.64 -9.93
CA TYR C 87 -18.81 -10.86 -10.21
C TYR C 87 -18.21 -10.85 -11.62
N GLY C 88 -17.67 -11.99 -12.03
CA GLY C 88 -17.09 -12.13 -13.36
C GLY C 88 -18.17 -12.03 -14.43
N THR C 89 -17.75 -11.98 -15.69
CA THR C 89 -18.66 -11.62 -16.76
C THR C 89 -19.85 -12.58 -16.90
N GLU C 90 -19.60 -13.88 -16.76
CA GLU C 90 -20.67 -14.88 -16.97
C GLU C 90 -21.78 -14.72 -15.95
N ILE C 91 -21.40 -14.54 -14.69
CA ILE C 91 -22.37 -14.36 -13.62
C ILE C 91 -23.03 -12.97 -13.75
N ALA C 92 -22.23 -11.96 -14.07
CA ALA C 92 -22.72 -10.59 -14.15
C ALA C 92 -23.82 -10.47 -15.20
N VAL C 93 -23.56 -11.04 -16.37
CA VAL C 93 -24.56 -11.07 -17.45
C VAL C 93 -25.86 -11.76 -17.02
N ASP C 94 -25.75 -12.89 -16.35
CA ASP C 94 -26.95 -13.59 -15.87
C ASP C 94 -27.71 -12.74 -14.87
N ILE C 95 -26.99 -12.08 -13.96
CA ILE C 95 -27.65 -11.20 -13.02
C ILE C 95 -28.32 -10.05 -13.73
N ALA C 96 -27.62 -9.44 -14.70
CA ALA C 96 -28.10 -8.24 -15.34
C ALA C 96 -29.42 -8.53 -16.05
N ARG C 97 -29.46 -9.66 -16.76
CA ARG C 97 -30.68 -10.06 -17.48
C ARG C 97 -31.81 -10.42 -16.53
N SER C 98 -31.46 -11.05 -15.42
CA SER C 98 -32.50 -11.47 -14.49
C SER C 98 -33.16 -10.27 -13.82
N VAL C 99 -32.43 -9.19 -13.54
CA VAL C 99 -33.06 -8.06 -12.85
C VAL C 99 -33.77 -7.12 -13.84
N GLU C 100 -33.31 -7.08 -15.08
CA GLU C 100 -33.99 -6.37 -16.15
C GLU C 100 -35.39 -6.99 -16.30
N LYS C 101 -35.47 -8.30 -16.15
CA LYS C 101 -36.76 -9.00 -16.32
C LYS C 101 -37.79 -8.66 -15.22
N VAL C 102 -37.33 -8.35 -14.01
CA VAL C 102 -38.25 -8.00 -12.93
C VAL C 102 -38.45 -6.49 -12.83
N GLY C 103 -37.94 -5.75 -13.81
CA GLY C 103 -38.24 -4.35 -13.93
C GLY C 103 -37.19 -3.35 -13.46
N ALA C 104 -35.96 -3.82 -13.26
CA ALA C 104 -34.88 -2.87 -12.90
C ALA C 104 -34.76 -1.74 -13.92
N ASP C 105 -34.60 -0.52 -13.41
CA ASP C 105 -34.46 0.68 -14.21
C ASP C 105 -33.01 0.94 -14.63
N GLY C 106 -32.09 0.20 -14.03
CA GLY C 106 -30.67 0.27 -14.41
C GLY C 106 -29.87 -0.76 -13.64
N ILE C 107 -28.59 -0.89 -13.98
CA ILE C 107 -27.68 -1.71 -13.18
C ILE C 107 -26.43 -0.91 -12.78
N LEU C 108 -26.02 -1.14 -11.54
CA LEU C 108 -24.74 -0.62 -11.01
C LEU C 108 -23.77 -1.76 -11.00
N LEU C 109 -22.74 -1.68 -11.83
CA LEU C 109 -21.83 -2.81 -11.99
C LEU C 109 -20.66 -2.70 -11.02
N LEU C 110 -20.74 -3.52 -9.99
CA LEU C 110 -19.66 -3.59 -9.01
C LEU C 110 -18.46 -4.32 -9.64
N PRO C 111 -17.32 -4.25 -8.99
CA PRO C 111 -16.14 -4.93 -9.51
C PRO C 111 -16.34 -6.42 -9.69
N HIS C 112 -15.59 -6.95 -10.65
CA HIS C 112 -15.50 -8.39 -10.80
C HIS C 112 -14.79 -8.98 -9.61
N TYR C 113 -14.77 -10.30 -9.55
CA TYR C 113 -14.26 -11.00 -8.38
C TYR C 113 -12.76 -11.27 -8.45
N LEU C 114 -12.10 -10.93 -7.34
CA LEU C 114 -10.75 -11.36 -6.93
C LEU C 114 -9.55 -10.80 -7.71
N ILE C 115 -9.50 -10.96 -9.01
CA ILE C 115 -8.25 -10.69 -9.73
C ILE C 115 -8.05 -9.25 -10.13
N ASP C 116 -6.78 -8.87 -10.25
CA ASP C 116 -6.41 -7.60 -10.87
C ASP C 116 -6.48 -7.84 -12.37
N ALA C 117 -6.93 -6.83 -13.10
CA ALA C 117 -7.13 -6.96 -14.53
C ALA C 117 -6.55 -5.79 -15.28
N PRO C 118 -6.03 -6.05 -16.50
CA PRO C 118 -5.56 -4.97 -17.36
C PRO C 118 -6.72 -4.17 -17.95
N GLN C 119 -6.47 -2.93 -18.33
CA GLN C 119 -7.51 -2.05 -18.84
C GLN C 119 -8.29 -2.65 -20.03
N GLU C 120 -7.59 -3.34 -20.92
CA GLU C 120 -8.25 -3.98 -22.07
C GLU C 120 -9.21 -5.07 -21.60
N GLY C 121 -8.89 -5.70 -20.49
CA GLY C 121 -9.73 -6.73 -19.92
C GLY C 121 -10.98 -6.16 -19.26
N LEU C 122 -10.82 -5.04 -18.57
CA LEU C 122 -11.94 -4.36 -17.94
C LEU C 122 -12.89 -3.91 -19.02
N TYR C 123 -12.33 -3.35 -20.09
CA TYR C 123 -13.12 -2.91 -21.21
C TYR C 123 -13.94 -4.08 -21.75
N ALA C 124 -13.30 -5.21 -22.02
CA ALA C 124 -14.03 -6.35 -22.58
C ALA C 124 -15.15 -6.85 -21.66
N HIS C 125 -14.87 -6.92 -20.36
CA HIS C 125 -15.84 -7.34 -19.35
C HIS C 125 -17.06 -6.41 -19.30
N ILE C 126 -16.79 -5.12 -19.13
CA ILE C 126 -17.85 -4.15 -18.94
C ILE C 126 -18.68 -3.99 -20.23
N LYS C 127 -18.00 -4.04 -21.38
CA LYS C 127 -18.70 -3.95 -22.67
C LYS C 127 -19.73 -5.08 -22.80
N LYS C 128 -19.30 -6.29 -22.48
CA LYS C 128 -20.18 -7.45 -22.60
C LYS C 128 -21.41 -7.36 -21.68
N VAL C 129 -21.21 -6.95 -20.42
CA VAL C 129 -22.33 -6.73 -19.52
C VAL C 129 -23.27 -5.63 -20.07
N CYS C 130 -22.71 -4.51 -20.53
CA CYS C 130 -23.55 -3.43 -21.06
C CYS C 130 -24.40 -3.91 -22.24
N GLN C 131 -23.79 -4.71 -23.10
CA GLN C 131 -24.44 -5.13 -24.33
C GLN C 131 -25.47 -6.24 -24.09
N SER C 132 -25.51 -6.77 -22.87
CA SER C 132 -26.41 -7.88 -22.56
C SER C 132 -27.81 -7.42 -22.13
N VAL C 133 -27.98 -6.12 -21.92
CA VAL C 133 -29.25 -5.54 -21.52
C VAL C 133 -29.52 -4.23 -22.25
N GLY C 134 -30.77 -3.79 -22.20
CA GLY C 134 -31.14 -2.51 -22.79
C GLY C 134 -31.25 -1.40 -21.78
N ILE C 135 -31.23 -1.73 -20.49
CA ILE C 135 -31.40 -0.72 -19.46
C ILE C 135 -30.06 -0.07 -19.21
N GLY C 136 -30.09 1.03 -18.48
CA GLY C 136 -28.90 1.86 -18.35
C GLY C 136 -27.93 1.23 -17.36
N VAL C 137 -26.65 1.57 -17.52
CA VAL C 137 -25.57 1.04 -16.68
C VAL C 137 -24.76 2.17 -16.08
N MET C 138 -24.41 1.95 -14.81
CA MET C 138 -23.45 2.81 -14.13
CA MET C 138 -23.45 2.80 -14.12
C MET C 138 -22.26 1.93 -13.75
N VAL C 139 -21.06 2.37 -14.11
CA VAL C 139 -19.82 1.67 -13.75
C VAL C 139 -19.33 2.25 -12.42
N TYR C 140 -18.44 1.52 -11.77
CA TYR C 140 -18.15 1.76 -10.38
C TYR C 140 -16.67 1.54 -10.21
N ASN C 141 -15.92 2.64 -10.17
CA ASN C 141 -14.48 2.57 -9.98
C ASN C 141 -14.18 2.33 -8.51
N ARG C 142 -13.60 1.18 -8.22
CA ARG C 142 -13.23 0.84 -6.85
C ARG C 142 -12.43 -0.46 -6.82
N ASP C 143 -11.60 -0.57 -5.79
CA ASP C 143 -10.85 -1.79 -5.53
C ASP C 143 -10.14 -2.30 -6.79
N ASN C 144 -10.48 -3.50 -7.25
CA ASN C 144 -9.77 -4.13 -8.38
C ASN C 144 -10.36 -3.82 -9.74
N SER C 145 -11.24 -2.83 -9.80
CA SER C 145 -11.77 -2.36 -11.07
C SER C 145 -11.74 -0.85 -11.16
N VAL C 146 -10.65 -0.31 -11.71
CA VAL C 146 -10.48 1.12 -11.81
C VAL C 146 -10.17 1.50 -13.25
N LEU C 147 -11.17 2.08 -13.91
CA LEU C 147 -11.03 2.54 -15.29
C LEU C 147 -10.27 3.84 -15.37
N GLN C 148 -9.30 3.88 -16.28
CA GLN C 148 -8.70 5.13 -16.71
C GLN C 148 -9.63 5.88 -17.65
N ALA C 149 -9.38 7.18 -17.81
CA ALA C 149 -10.28 8.04 -18.56
C ALA C 149 -10.44 7.59 -20.02
N ASP C 150 -9.36 7.11 -20.64
CA ASP C 150 -9.41 6.74 -22.06
C ASP C 150 -10.18 5.45 -22.27
N THR C 151 -10.04 4.52 -21.33
CA THR C 151 -10.79 3.26 -21.38
C THR C 151 -12.27 3.54 -21.23
N LEU C 152 -12.62 4.39 -20.27
CA LEU C 152 -14.01 4.77 -20.07
C LEU C 152 -14.56 5.48 -21.31
N ALA C 153 -13.74 6.33 -21.93
CA ALA C 153 -14.17 7.04 -23.15
C ALA C 153 -14.54 6.02 -24.23
N ARG C 154 -13.73 4.97 -24.38
CA ARG C 154 -14.01 3.96 -25.40
C ARG C 154 -15.29 3.23 -25.09
N LEU C 155 -15.51 2.91 -23.81
CA LEU C 155 -16.74 2.22 -23.40
C LEU C 155 -17.94 3.12 -23.70
N CYS C 156 -17.81 4.42 -23.46
CA CYS C 156 -18.91 5.31 -23.66
C CYS C 156 -19.26 5.39 -25.16
N ASP C 157 -18.22 5.36 -25.99
CA ASP C 157 -18.40 5.46 -27.43
C ASP C 157 -19.15 4.23 -27.96
N GLU C 158 -18.89 3.08 -27.35
CA GLU C 158 -19.42 1.81 -27.85
C GLU C 158 -20.70 1.33 -27.19
N CYS C 159 -20.98 1.85 -25.99
CA CYS C 159 -22.14 1.41 -25.21
C CYS C 159 -23.00 2.60 -24.85
N PRO C 160 -24.04 2.85 -25.67
CA PRO C 160 -24.82 4.06 -25.37
C PRO C 160 -25.63 3.98 -24.10
N ASN C 161 -25.88 2.78 -23.58
CA ASN C 161 -26.63 2.62 -22.33
C ASN C 161 -25.75 2.80 -21.08
N LEU C 162 -24.45 2.97 -21.28
CA LEU C 162 -23.54 3.29 -20.15
C LEU C 162 -23.71 4.78 -19.94
N VAL C 163 -24.35 5.15 -18.83
CA VAL C 163 -24.76 6.52 -18.59
C VAL C 163 -24.30 7.12 -17.25
N GLY C 164 -23.70 6.28 -16.40
CA GLY C 164 -23.29 6.72 -15.08
C GLY C 164 -21.91 6.23 -14.70
N PHE C 165 -21.24 7.02 -13.84
CA PHE C 165 -19.92 6.69 -13.31
C PHE C 165 -19.95 6.95 -11.81
N LYS C 166 -19.71 5.90 -11.01
CA LYS C 166 -19.66 6.04 -9.56
CA LYS C 166 -19.66 6.04 -9.56
C LYS C 166 -18.23 5.82 -9.08
N ASP C 167 -17.73 6.75 -8.25
CA ASP C 167 -16.38 6.60 -7.72
C ASP C 167 -16.34 6.16 -6.26
N GLY C 168 -15.60 5.07 -6.02
CA GLY C 168 -15.30 4.64 -4.68
C GLY C 168 -13.81 4.61 -4.39
N THR C 169 -13.01 5.29 -5.20
CA THR C 169 -11.53 5.31 -4.98
C THR C 169 -11.06 6.47 -4.13
N GLY C 170 -11.76 7.58 -4.18
CA GLY C 170 -11.31 8.79 -3.51
C GLY C 170 -10.11 9.43 -4.19
N ASP C 171 -9.78 8.97 -5.38
CA ASP C 171 -8.69 9.51 -6.18
C ASP C 171 -9.19 10.74 -6.94
N ILE C 172 -9.03 11.90 -6.31
N ILE C 172 -9.04 11.93 -6.35
CA ILE C 172 -9.49 13.17 -6.86
CA ILE C 172 -9.59 13.13 -6.98
C ILE C 172 -8.84 13.50 -8.20
C ILE C 172 -8.84 13.53 -8.24
N GLY C 173 -7.54 13.21 -8.33
CA GLY C 173 -6.81 13.45 -9.56
C GLY C 173 -7.47 12.73 -10.74
N LEU C 174 -7.72 11.44 -10.54
CA LEU C 174 -8.29 10.63 -11.61
C LEU C 174 -9.72 11.03 -11.90
N VAL C 175 -10.54 11.28 -10.88
CA VAL C 175 -11.95 11.54 -11.17
C VAL C 175 -12.14 12.89 -11.81
N ARG C 176 -11.30 13.86 -11.50
CA ARG C 176 -11.37 15.14 -12.23
C ARG C 176 -11.01 14.97 -13.70
N GLN C 177 -10.07 14.09 -14.00
CA GLN C 177 -9.68 13.85 -15.39
C GLN C 177 -10.85 13.20 -16.15
N ILE C 178 -11.52 12.30 -15.46
CA ILE C 178 -12.66 11.60 -16.08
C ILE C 178 -13.78 12.58 -16.39
N THR C 179 -14.13 13.48 -15.46
CA THR C 179 -15.18 14.46 -15.77
C THR C 179 -14.75 15.45 -16.87
N ALA C 180 -13.48 15.85 -16.88
CA ALA C 180 -12.99 16.72 -17.95
C ALA C 180 -13.07 16.01 -19.31
N LYS C 181 -12.77 14.71 -19.34
CA LYS C 181 -12.78 13.98 -20.59
C LYS C 181 -14.20 13.74 -21.12
N MET C 182 -15.11 13.33 -20.25
CA MET C 182 -16.42 12.84 -20.69
C MET C 182 -17.48 13.91 -20.69
N GLY C 183 -17.33 14.92 -19.84
CA GLY C 183 -18.32 15.98 -19.75
C GLY C 183 -19.70 15.44 -19.46
N ASP C 184 -20.72 15.93 -20.19
CA ASP C 184 -22.09 15.55 -19.87
C ASP C 184 -22.49 14.20 -20.49
N ARG C 185 -21.53 13.46 -21.06
CA ARG C 185 -21.81 12.13 -21.56
C ARG C 185 -22.25 11.21 -20.42
N LEU C 186 -21.69 11.44 -19.23
CA LEU C 186 -21.98 10.66 -18.04
C LEU C 186 -22.51 11.50 -16.89
N MET C 187 -23.30 10.84 -16.04
CA MET C 187 -23.65 11.40 -14.75
CA MET C 187 -23.63 11.42 -14.75
C MET C 187 -22.64 10.85 -13.73
N TYR C 188 -22.16 11.72 -12.84
CA TYR C 188 -21.07 11.37 -11.91
C TYR C 188 -21.61 11.24 -10.50
N LEU C 189 -21.41 10.05 -9.92
CA LEU C 189 -21.95 9.73 -8.62
CA LEU C 189 -21.93 9.72 -8.62
C LEU C 189 -20.83 9.53 -7.58
N GLY C 190 -20.86 10.33 -6.53
CA GLY C 190 -19.91 10.13 -5.43
C GLY C 190 -20.24 8.83 -4.72
N GLY C 191 -19.24 8.00 -4.45
CA GLY C 191 -19.51 6.68 -3.91
C GLY C 191 -18.60 6.22 -2.80
N MET C 192 -17.95 7.15 -2.12
CA MET C 192 -17.18 6.72 -0.96
C MET C 192 -18.13 6.22 0.16
N PRO C 193 -17.65 5.33 1.03
N PRO C 193 -17.62 5.34 1.03
CA PRO C 193 -18.59 4.62 1.93
CA PRO C 193 -18.35 5.07 2.27
C PRO C 193 -19.50 5.56 2.76
C PRO C 193 -18.48 6.33 3.11
N THR C 194 -18.94 6.66 3.26
N THR C 194 -19.71 6.65 3.50
CA THR C 194 -19.69 7.69 3.96
CA THR C 194 -20.00 7.93 4.16
C THR C 194 -19.46 8.99 3.16
C THR C 194 -19.54 9.05 3.22
N ALA C 195 -20.25 9.17 2.09
CA ALA C 195 -19.88 10.09 1.03
C ALA C 195 -19.97 11.55 1.40
N GLU C 196 -20.75 11.87 2.43
CA GLU C 196 -20.85 13.27 2.85
C GLU C 196 -19.47 13.85 3.24
N LEU C 197 -18.54 12.99 3.67
CA LEU C 197 -17.19 13.43 3.99
C LEU C 197 -16.45 13.98 2.79
N PHE C 198 -16.91 13.61 1.60
CA PHE C 198 -16.23 13.92 0.35
C PHE C 198 -17.02 14.85 -0.53
N ALA C 199 -18.27 15.10 -0.17
CA ALA C 199 -19.21 15.70 -1.13
C ALA C 199 -18.79 17.10 -1.58
N GLU C 200 -18.28 17.90 -0.65
CA GLU C 200 -17.94 19.28 -1.00
C GLU C 200 -16.77 19.31 -1.96
N ALA C 201 -15.76 18.49 -1.70
CA ALA C 201 -14.67 18.31 -2.66
C ALA C 201 -15.11 17.73 -4.01
N TYR C 202 -16.00 16.74 -3.97
CA TYR C 202 -16.44 16.11 -5.20
CA TYR C 202 -16.46 16.09 -5.20
C TYR C 202 -17.18 17.06 -6.10
N LEU C 203 -17.87 18.05 -5.51
CA LEU C 203 -18.55 19.11 -6.30
C LEU C 203 -17.57 19.78 -7.24
N GLY C 204 -16.42 20.14 -6.68
CA GLY C 204 -15.39 20.79 -7.46
C GLY C 204 -14.83 19.89 -8.54
N ALA C 205 -14.80 18.58 -8.27
CA ALA C 205 -14.34 17.61 -9.26
C ALA C 205 -15.37 17.39 -10.39
N GLY C 206 -16.57 17.90 -10.19
CA GLY C 206 -17.66 17.80 -11.16
C GLY C 206 -18.81 16.85 -10.81
N PHE C 207 -18.87 16.41 -9.56
CA PHE C 207 -19.92 15.47 -9.05
C PHE C 207 -20.93 16.24 -8.18
N THR C 208 -22.24 16.22 -8.49
CA THR C 208 -23.23 16.93 -7.66
C THR C 208 -24.21 16.02 -6.92
N THR C 209 -23.97 14.72 -6.99
CA THR C 209 -24.70 13.82 -6.13
C THR C 209 -23.79 12.69 -5.72
N TYR C 210 -24.31 11.88 -4.81
CA TYR C 210 -23.60 10.80 -4.18
C TYR C 210 -24.65 9.92 -3.55
N SER C 211 -24.26 8.70 -3.22
CA SER C 211 -25.07 7.84 -2.41
C SER C 211 -24.82 8.20 -0.96
N SER C 212 -25.88 8.42 -0.22
CA SER C 212 -25.80 8.58 1.21
C SER C 212 -26.21 7.30 1.88
N ALA C 213 -25.23 6.52 2.35
CA ALA C 213 -25.54 5.32 3.14
C ALA C 213 -26.37 5.64 4.37
N VAL C 214 -26.09 6.76 5.04
CA VAL C 214 -26.77 7.03 6.32
C VAL C 214 -28.23 7.46 6.11
N PHE C 215 -28.58 7.86 4.88
CA PHE C 215 -29.98 8.10 4.47
C PHE C 215 -30.83 6.90 4.89
N ASN C 216 -30.24 5.72 4.96
CA ASN C 216 -30.95 4.52 5.44
C ASN C 216 -31.69 4.70 6.76
N PHE C 217 -31.11 5.48 7.66
CA PHE C 217 -31.67 5.62 9.01
C PHE C 217 -31.82 7.07 9.48
N VAL C 218 -31.09 8.02 8.88
CA VAL C 218 -31.39 9.45 9.09
C VAL C 218 -31.59 10.20 7.77
N PRO C 219 -32.61 9.81 7.00
CA PRO C 219 -32.87 10.40 5.68
C PRO C 219 -33.12 11.91 5.79
N GLY C 220 -33.68 12.37 6.92
CA GLY C 220 -33.96 13.77 7.10
C GLY C 220 -32.68 14.58 7.25
N LEU C 221 -31.74 14.06 8.02
CA LEU C 221 -30.44 14.72 8.20
C LEU C 221 -29.62 14.67 6.92
N ALA C 222 -29.65 13.53 6.25
CA ALA C 222 -28.97 13.39 4.98
C ALA C 222 -29.52 14.39 3.96
N ASN C 223 -30.85 14.54 3.90
CA ASN C 223 -31.47 15.53 3.01
C ASN C 223 -31.04 16.96 3.37
N GLU C 224 -31.00 17.23 4.67
CA GLU C 224 -30.59 18.54 5.15
C GLU C 224 -29.18 18.88 4.67
N PHE C 225 -28.25 17.93 4.84
CA PHE C 225 -26.89 18.12 4.36
C PHE C 225 -26.88 18.34 2.86
N TYR C 226 -27.59 17.51 2.10
CA TYR C 226 -27.59 17.61 0.65
C TYR C 226 -28.11 18.98 0.17
N ALA C 227 -29.16 19.46 0.83
CA ALA C 227 -29.77 20.72 0.42
C ALA C 227 -28.78 21.86 0.67
N ALA C 228 -28.13 21.84 1.83
CA ALA C 228 -27.14 22.87 2.16
C ALA C 228 -25.95 22.80 1.21
N LEU C 229 -25.55 21.59 0.86
CA LEU C 229 -24.46 21.41 -0.11
C LEU C 229 -24.78 22.11 -1.44
N ARG C 230 -25.96 21.82 -2.01
CA ARG C 230 -26.30 22.38 -3.30
C ARG C 230 -26.58 23.89 -3.19
N ALA C 231 -26.98 24.35 -2.01
CA ALA C 231 -27.25 25.77 -1.79
C ALA C 231 -26.00 26.53 -1.38
N GLY C 232 -24.90 25.82 -1.18
CA GLY C 232 -23.62 26.43 -0.82
C GLY C 232 -23.60 27.01 0.59
N GLU C 233 -24.39 26.45 1.47
CA GLU C 233 -24.41 26.85 2.87
C GLU C 233 -23.36 26.07 3.61
N ARG C 234 -22.12 26.55 3.52
CA ARG C 234 -21.00 25.81 4.06
C ARG C 234 -21.05 25.62 5.57
N ALA C 235 -21.54 26.64 6.28
CA ALA C 235 -21.61 26.54 7.75
C ALA C 235 -22.56 25.41 8.18
N THR C 236 -23.64 25.23 7.44
CA THR C 236 -24.57 24.12 7.74
C THR C 236 -23.93 22.76 7.44
N CYS C 237 -23.27 22.63 6.29
CA CYS C 237 -22.57 21.37 5.98
C CYS C 237 -21.54 21.07 7.05
N GLU C 238 -20.77 22.07 7.46
CA GLU C 238 -19.73 21.87 8.45
C GLU C 238 -20.27 21.46 9.83
N ARG C 239 -21.38 22.04 10.24
CA ARG C 239 -21.99 21.69 11.51
C ARG C 239 -22.37 20.20 11.54
N ILE C 240 -23.00 19.76 10.46
CA ILE C 240 -23.46 18.37 10.35
C ILE C 240 -22.25 17.43 10.25
N LEU C 241 -21.21 17.82 9.53
CA LEU C 241 -19.97 17.03 9.55
C LEU C 241 -19.43 16.88 10.96
N VAL C 242 -19.28 18.00 11.66
CA VAL C 242 -18.70 17.97 13.00
C VAL C 242 -19.58 17.29 14.06
N ASP C 243 -20.87 17.52 14.01
CA ASP C 243 -21.78 17.00 15.03
C ASP C 243 -22.25 15.57 14.72
N PHE C 244 -22.40 15.24 13.43
CA PHE C 244 -22.85 13.88 13.08
C PHE C 244 -21.82 13.00 12.37
N PHE C 245 -21.24 13.45 11.26
CA PHE C 245 -20.44 12.52 10.46
C PHE C 245 -19.08 12.13 11.06
N TYR C 246 -18.29 13.04 11.61
CA TYR C 246 -17.03 12.57 12.19
C TYR C 246 -17.29 11.69 13.42
N PRO C 247 -18.28 12.03 14.25
CA PRO C 247 -18.61 11.05 15.31
C PRO C 247 -19.10 9.69 14.78
N PHE C 248 -19.81 9.68 13.66
CA PHE C 248 -20.21 8.43 13.03
C PHE C 248 -18.98 7.66 12.54
N MET C 249 -18.07 8.38 11.90
CA MET C 249 -16.82 7.78 11.43
CA MET C 249 -16.80 7.82 11.44
C MET C 249 -16.03 7.13 12.57
N ALA C 250 -16.09 7.74 13.75
CA ALA C 250 -15.39 7.19 14.89
C ALA C 250 -15.94 5.81 15.26
N ILE C 251 -17.24 5.62 15.13
CA ILE C 251 -17.87 4.31 15.37
C ILE C 251 -17.53 3.36 14.23
N ARG C 252 -17.73 3.85 13.01
CA ARG C 252 -17.44 3.08 11.80
C ARG C 252 -16.03 2.52 11.77
N ASN C 253 -15.05 3.30 12.22
CA ASN C 253 -13.67 2.87 12.11
C ASN C 253 -13.23 1.85 13.17
N ARG C 254 -14.12 1.49 14.08
CA ARG C 254 -13.79 0.51 15.13
C ARG C 254 -13.52 -0.90 14.61
N ALA C 255 -14.08 -1.24 13.44
CA ALA C 255 -13.86 -2.58 12.88
C ALA C 255 -14.07 -2.62 11.38
N LYS C 256 -13.44 -3.61 10.73
CA LYS C 256 -13.58 -3.76 9.29
C LYS C 256 -15.03 -4.09 8.97
N GLY C 257 -15.53 -3.51 7.89
CA GLY C 257 -16.88 -3.81 7.43
C GLY C 257 -17.97 -2.96 8.07
N TYR C 258 -17.61 -2.13 9.05
CA TYR C 258 -18.61 -1.33 9.75
C TYR C 258 -19.26 -0.24 8.89
N ALA C 259 -18.70 0.07 7.73
CA ALA C 259 -19.38 1.00 6.83
C ALA C 259 -20.76 0.44 6.45
N VAL C 260 -20.86 -0.89 6.47
CA VAL C 260 -22.14 -1.56 6.27
C VAL C 260 -22.80 -1.83 7.63
N SER C 261 -22.08 -2.51 8.51
CA SER C 261 -22.69 -2.97 9.77
C SER C 261 -23.27 -1.83 10.60
N ALA C 262 -22.61 -0.66 10.65
CA ALA C 262 -23.14 0.44 11.44
C ALA C 262 -24.41 1.03 10.84
N VAL C 263 -24.51 1.03 9.52
CA VAL C 263 -25.70 1.56 8.87
C VAL C 263 -26.88 0.64 9.18
N LYS C 264 -26.63 -0.65 9.11
CA LYS C 264 -27.70 -1.66 9.36
C LYS C 264 -28.14 -1.56 10.82
N ALA C 265 -27.19 -1.34 11.72
CA ALA C 265 -27.52 -1.10 13.12
C ALA C 265 -28.39 0.15 13.27
N GLY C 266 -28.13 1.21 12.50
CA GLY C 266 -28.94 2.40 12.57
C GLY C 266 -30.38 2.16 12.13
N VAL C 267 -30.53 1.31 11.11
CA VAL C 267 -31.85 1.00 10.58
C VAL C 267 -32.63 0.24 11.65
N ARG C 268 -31.98 -0.73 12.30
CA ARG C 268 -32.66 -1.50 13.36
C ARG C 268 -33.06 -0.57 14.50
N LEU C 269 -32.23 0.42 14.81
CA LEU C 269 -32.54 1.36 15.88
C LEU C 269 -33.75 2.22 15.57
N GLN C 270 -34.07 2.38 14.28
CA GLN C 270 -35.20 3.19 13.88
C GLN C 270 -36.46 2.33 13.74
N GLY C 271 -36.36 1.07 14.20
CA GLY C 271 -37.54 0.22 14.36
C GLY C 271 -37.85 -0.65 13.14
N PHE C 272 -36.88 -0.76 12.25
CA PHE C 272 -37.03 -1.64 11.08
C PHE C 272 -36.29 -2.94 11.32
N ASN C 273 -36.97 -4.03 11.04
CA ASN C 273 -36.45 -5.35 11.37
C ASN C 273 -35.46 -5.84 10.32
N ALA C 274 -34.34 -5.13 10.19
CA ALA C 274 -33.42 -5.43 9.11
C ALA C 274 -32.58 -6.66 9.40
N GLY C 275 -32.50 -7.06 10.65
CA GLY C 275 -31.79 -8.27 11.01
C GLY C 275 -30.27 -8.12 10.97
N PRO C 276 -29.55 -9.24 11.11
CA PRO C 276 -28.08 -9.24 11.14
C PRO C 276 -27.44 -9.09 9.77
N VAL C 277 -26.19 -8.66 9.76
CA VAL C 277 -25.38 -8.83 8.58
C VAL C 277 -25.05 -10.29 8.35
N ARG C 278 -24.74 -10.62 7.11
CA ARG C 278 -24.21 -11.94 6.79
C ARG C 278 -22.70 -11.98 6.97
N ALA C 279 -22.18 -13.10 7.44
CA ALA C 279 -20.74 -13.31 7.42
C ALA C 279 -20.21 -13.12 6.00
N PRO C 280 -18.97 -12.62 5.86
CA PRO C 280 -17.98 -12.36 6.90
C PRO C 280 -18.04 -10.96 7.55
N LEU C 281 -19.07 -10.15 7.30
CA LEU C 281 -19.33 -9.00 8.16
C LEU C 281 -19.71 -9.47 9.57
N LYS C 282 -19.54 -8.58 10.55
CA LYS C 282 -20.06 -8.80 11.88
C LYS C 282 -20.86 -7.58 12.31
N ASP C 283 -21.84 -7.80 13.17
CA ASP C 283 -22.66 -6.72 13.69
C ASP C 283 -21.97 -5.98 14.83
N LEU C 284 -22.40 -4.74 15.03
CA LEU C 284 -21.89 -3.93 16.13
C LEU C 284 -22.15 -4.61 17.46
N THR C 285 -21.30 -4.33 18.44
CA THR C 285 -21.56 -4.74 19.81
C THR C 285 -22.69 -3.91 20.43
N ASN C 286 -23.21 -4.35 21.57
CA ASN C 286 -24.29 -3.60 22.21
C ASN C 286 -23.80 -2.22 22.61
N GLU C 287 -22.54 -2.15 23.03
CA GLU C 287 -21.89 -0.90 23.40
C GLU C 287 -21.92 0.08 22.22
N GLU C 288 -21.44 -0.41 21.08
CA GLU C 288 -21.41 0.37 19.83
C GLU C 288 -22.79 0.79 19.36
N ILE C 289 -23.75 -0.11 19.49
CA ILE C 289 -25.11 0.22 19.15
C ILE C 289 -25.61 1.36 20.00
N GLY C 290 -25.26 1.36 21.29
CA GLY C 290 -25.66 2.44 22.16
C GLY C 290 -25.02 3.76 21.79
N MET C 291 -23.73 3.69 21.40
CA MET C 291 -23.04 4.84 20.86
C MET C 291 -23.78 5.43 19.65
N LEU C 292 -24.20 4.57 18.74
CA LEU C 292 -24.91 5.03 17.55
C LEU C 292 -26.28 5.58 17.94
N GLU C 293 -26.96 4.91 18.88
CA GLU C 293 -28.27 5.38 19.33
C GLU C 293 -28.14 6.78 19.92
N ALA C 294 -27.11 6.98 20.73
CA ALA C 294 -26.87 8.29 21.32
C ALA C 294 -26.61 9.37 20.28
N LEU C 295 -25.91 9.00 19.22
CA LEU C 295 -25.61 9.93 18.11
C LEU C 295 -26.85 10.28 17.30
N ILE C 296 -27.72 9.29 17.09
CA ILE C 296 -28.93 9.53 16.31
C ILE C 296 -29.77 10.58 17.05
N GLY C 297 -29.80 10.47 18.37
CA GLY C 297 -30.42 11.49 19.22
C GLY C 297 -31.79 11.91 18.76
N THR C 298 -31.95 13.21 18.55
CA THR C 298 -33.25 13.81 18.25
C THR C 298 -33.84 13.36 16.91
N HIS C 299 -33.05 12.64 16.12
CA HIS C 299 -33.50 12.10 14.83
C HIS C 299 -34.20 10.74 15.02
N LYS C 300 -34.36 10.32 16.27
CA LYS C 300 -34.96 9.03 16.57
C LYS C 300 -36.36 8.95 16.02
N ARG C 301 -36.71 7.78 15.47
CA ARG C 301 -38.05 7.52 14.95
C ARG C 301 -38.92 6.82 16.00
N MET D 1 -12.40 -39.02 -1.23
CA MET D 1 -11.69 -39.63 -0.07
C MET D 1 -12.00 -38.86 1.20
N ASP D 2 -11.52 -39.35 2.34
CA ASP D 2 -11.78 -38.64 3.59
C ASP D 2 -10.66 -37.60 3.79
N PRO D 3 -10.89 -36.64 4.70
CA PRO D 3 -9.93 -35.53 4.88
C PRO D 3 -8.49 -35.96 5.16
N GLU D 4 -8.28 -36.99 5.96
CA GLU D 4 -6.93 -37.39 6.29
C GLU D 4 -6.19 -37.94 5.06
N GLN D 5 -6.94 -38.49 4.13
CA GLN D 5 -6.37 -39.02 2.91
C GLN D 5 -5.96 -37.91 1.92
N ILE D 6 -6.78 -36.88 1.78
CA ILE D 6 -6.37 -35.77 0.94
C ILE D 6 -5.20 -35.06 1.66
N LYS D 7 -5.24 -35.00 2.99
CA LYS D 7 -4.14 -34.38 3.76
C LYS D 7 -2.82 -35.06 3.45
N THR D 8 -2.84 -36.39 3.48
CA THR D 8 -1.64 -37.15 3.18
C THR D 8 -1.20 -36.93 1.73
N ALA D 9 -2.15 -36.85 0.80
CA ALA D 9 -1.75 -36.69 -0.59
C ALA D 9 -1.11 -35.32 -0.83
N LEU D 10 -1.64 -34.30 -0.16
CA LEU D 10 -1.14 -32.93 -0.32
C LEU D 10 0.34 -32.84 0.05
N GLY D 11 0.76 -33.66 1.00
CA GLY D 11 2.16 -33.70 1.39
C GLY D 11 3.02 -34.75 0.69
N SER D 12 2.55 -35.30 -0.43
CA SER D 12 3.30 -36.35 -1.11
C SER D 12 4.03 -35.88 -2.36
N GLY D 13 3.94 -34.61 -2.69
CA GLY D 13 4.65 -34.11 -3.85
C GLY D 13 4.22 -32.74 -4.34
N LEU D 14 4.52 -32.47 -5.61
CA LEU D 14 4.28 -31.19 -6.26
C LEU D 14 2.82 -31.07 -6.66
N LEU D 15 2.23 -29.89 -6.52
CA LEU D 15 0.83 -29.70 -6.84
C LEU D 15 0.62 -28.96 -8.14
N SER D 16 -0.45 -29.34 -8.83
CA SER D 16 -0.78 -28.79 -10.15
C SER D 16 -2.15 -28.10 -10.14
N PHE D 17 -2.22 -26.96 -10.82
CA PHE D 17 -3.45 -26.20 -11.03
C PHE D 17 -3.71 -26.04 -12.52
N PRO D 18 -4.43 -26.99 -13.14
CA PRO D 18 -4.62 -26.95 -14.59
C PRO D 18 -5.42 -25.74 -15.06
N VAL D 19 -5.01 -25.16 -16.18
CA VAL D 19 -5.82 -24.14 -16.82
C VAL D 19 -7.10 -24.76 -17.32
N THR D 20 -8.15 -23.95 -17.34
CA THR D 20 -9.46 -24.41 -17.82
C THR D 20 -9.56 -24.05 -19.29
N HIS D 21 -9.88 -25.07 -20.10
CA HIS D 21 -9.90 -24.91 -21.55
C HIS D 21 -11.24 -24.37 -21.99
N PHE D 22 -11.21 -23.39 -22.90
CA PHE D 22 -12.42 -22.80 -23.46
C PHE D 22 -12.37 -22.91 -24.99
N ASP D 23 -13.51 -23.18 -25.62
CA ASP D 23 -13.55 -23.12 -27.08
C ASP D 23 -13.61 -21.65 -27.52
N ALA D 24 -13.84 -21.43 -28.82
CA ALA D 24 -13.82 -20.08 -29.38
C ALA D 24 -14.98 -19.23 -28.86
N GLU D 25 -16.10 -19.89 -28.54
CA GLU D 25 -17.27 -19.21 -28.00
C GLU D 25 -17.06 -18.89 -26.50
N GLY D 26 -15.95 -19.37 -25.95
CA GLY D 26 -15.65 -19.16 -24.55
C GLY D 26 -16.24 -20.23 -23.65
N ARG D 27 -16.83 -21.26 -24.27
CA ARG D 27 -17.44 -22.36 -23.52
C ARG D 27 -16.42 -23.46 -23.11
N PHE D 28 -16.70 -24.16 -22.00
CA PHE D 28 -15.79 -25.19 -21.50
C PHE D 28 -15.52 -26.25 -22.57
N ALA D 29 -14.24 -26.51 -22.84
CA ALA D 29 -13.83 -27.47 -23.85
C ALA D 29 -13.31 -28.77 -23.20
N ALA D 30 -14.23 -29.66 -22.85
CA ALA D 30 -13.89 -30.80 -22.00
C ALA D 30 -12.96 -31.83 -22.65
N ASP D 31 -13.08 -32.03 -23.96
CA ASP D 31 -12.18 -32.96 -24.62
C ASP D 31 -10.73 -32.46 -24.53
N SER D 32 -10.52 -31.18 -24.85
CA SER D 32 -9.19 -30.59 -24.79
C SER D 32 -8.67 -30.61 -23.37
N TYR D 33 -9.53 -30.24 -22.43
CA TYR D 33 -9.20 -30.24 -21.01
C TYR D 33 -8.70 -31.62 -20.59
N ARG D 34 -9.52 -32.65 -20.84
CA ARG D 34 -9.16 -34.03 -20.47
C ARG D 34 -7.85 -34.47 -21.13
N GLU D 35 -7.63 -34.04 -22.37
CA GLU D 35 -6.40 -34.39 -23.07
C GLU D 35 -5.20 -33.80 -22.34
N HIS D 36 -5.34 -32.56 -21.88
CA HIS D 36 -4.26 -31.87 -21.19
C HIS D 36 -4.03 -32.47 -19.81
N VAL D 37 -5.14 -32.73 -19.11
CA VAL D 37 -5.08 -33.26 -17.76
C VAL D 37 -4.45 -34.64 -17.76
N GLU D 38 -4.78 -35.43 -18.77
CA GLU D 38 -4.20 -36.76 -18.93
C GLU D 38 -2.69 -36.69 -19.09
N TRP D 39 -2.23 -35.78 -19.94
CA TRP D 39 -0.79 -35.54 -20.12
C TRP D 39 -0.12 -35.11 -18.82
N LEU D 40 -0.77 -34.20 -18.08
CA LEU D 40 -0.19 -33.72 -16.83
C LEU D 40 -0.07 -34.84 -15.82
N ALA D 41 -1.07 -35.71 -15.79
CA ALA D 41 -1.09 -36.83 -14.85
C ALA D 41 0.13 -37.74 -15.04
N GLY D 42 0.62 -37.81 -16.27
CA GLY D 42 1.82 -38.57 -16.59
C GLY D 42 3.05 -38.05 -15.87
N TYR D 43 2.99 -36.80 -15.42
CA TYR D 43 4.09 -36.20 -14.67
C TYR D 43 3.86 -36.32 -13.15
N LYS D 44 2.83 -37.07 -12.78
CA LYS D 44 2.66 -37.63 -11.44
C LYS D 44 2.54 -36.64 -10.27
N ALA D 45 1.94 -35.47 -10.48
CA ALA D 45 1.51 -34.65 -9.34
C ALA D 45 0.52 -35.48 -8.55
N PRO D 46 0.65 -35.54 -7.21
CA PRO D 46 -0.35 -36.31 -6.46
C PRO D 46 -1.71 -35.62 -6.29
N VAL D 47 -1.76 -34.33 -6.55
CA VAL D 47 -3.00 -33.58 -6.43
C VAL D 47 -3.05 -32.55 -7.54
N LEU D 48 -4.17 -32.50 -8.23
CA LEU D 48 -4.40 -31.43 -9.19
C LEU D 48 -5.62 -30.68 -8.68
N PHE D 49 -5.53 -29.36 -8.73
CA PHE D 49 -6.62 -28.50 -8.30
C PHE D 49 -7.38 -28.03 -9.52
N ALA D 50 -8.56 -28.61 -9.72
CA ALA D 50 -9.43 -28.21 -10.81
C ALA D 50 -10.20 -26.92 -10.50
N ALA D 51 -10.25 -26.02 -11.47
CA ALA D 51 -10.99 -24.77 -11.32
C ALA D 51 -10.47 -23.97 -10.12
N GLY D 52 -9.15 -23.92 -9.97
CA GLY D 52 -8.52 -23.00 -9.03
C GLY D 52 -8.19 -21.68 -9.72
N GLY D 53 -7.31 -20.90 -9.10
CA GLY D 53 -6.92 -19.62 -9.67
C GLY D 53 -6.38 -19.71 -11.09
N THR D 54 -5.44 -20.62 -11.31
CA THR D 54 -4.81 -20.72 -12.61
C THR D 54 -5.89 -21.23 -13.57
N GLY D 55 -6.86 -21.98 -13.01
CA GLY D 55 -8.02 -22.47 -13.75
C GLY D 55 -9.15 -21.49 -13.92
N GLU D 56 -8.87 -20.22 -13.64
CA GLU D 56 -9.81 -19.12 -13.87
C GLU D 56 -11.11 -19.30 -13.12
N PHE D 57 -11.01 -19.83 -11.90
CA PHE D 57 -12.17 -19.97 -11.00
C PHE D 57 -13.04 -18.71 -10.97
N PHE D 58 -12.38 -17.58 -10.82
CA PHE D 58 -13.03 -16.27 -10.75
C PHE D 58 -13.83 -15.86 -12.00
N SER D 59 -13.74 -16.66 -13.08
CA SER D 59 -14.47 -16.37 -14.32
C SER D 59 -15.49 -17.45 -14.68
N LEU D 60 -15.62 -18.45 -13.81
CA LEU D 60 -16.53 -19.58 -14.04
C LEU D 60 -17.92 -19.32 -13.47
N LYS D 61 -18.95 -19.70 -14.23
CA LYS D 61 -20.28 -19.78 -13.66
C LYS D 61 -20.29 -20.93 -12.67
N PRO D 62 -21.02 -20.80 -11.54
CA PRO D 62 -20.99 -21.89 -10.56
C PRO D 62 -21.46 -23.26 -11.06
N ASP D 63 -22.29 -23.32 -12.08
CA ASP D 63 -22.72 -24.63 -12.59
C ASP D 63 -21.63 -25.26 -13.49
N GLU D 64 -20.66 -24.45 -13.91
CA GLU D 64 -19.56 -24.97 -14.72
C GLU D 64 -18.55 -25.73 -13.87
N ILE D 65 -18.52 -25.46 -12.57
CA ILE D 65 -17.43 -25.98 -11.75
C ILE D 65 -17.54 -27.50 -11.56
N PRO D 66 -18.72 -28.03 -11.20
CA PRO D 66 -18.75 -29.50 -11.08
C PRO D 66 -18.46 -30.22 -12.42
N THR D 67 -18.90 -29.65 -13.53
CA THR D 67 -18.58 -30.19 -14.85
C THR D 67 -17.09 -30.31 -15.08
N ILE D 68 -16.35 -29.28 -14.66
CA ILE D 68 -14.92 -29.27 -14.85
C ILE D 68 -14.26 -30.30 -13.91
N VAL D 69 -14.73 -30.35 -12.67
CA VAL D 69 -14.19 -31.27 -11.69
C VAL D 69 -14.41 -32.70 -12.19
N ALA D 70 -15.61 -32.98 -12.66
CA ALA D 70 -15.95 -34.30 -13.22
C ALA D 70 -15.02 -34.66 -14.38
N ALA D 71 -14.84 -33.71 -15.30
CA ALA D 71 -13.97 -33.94 -16.45
C ALA D 71 -12.55 -34.24 -16.02
N ALA D 72 -12.07 -33.56 -14.98
CA ALA D 72 -10.73 -33.85 -14.48
C ALA D 72 -10.67 -35.26 -13.91
N LYS D 73 -11.68 -35.60 -13.11
CA LYS D 73 -11.72 -36.86 -12.38
C LYS D 73 -11.77 -38.07 -13.33
N GLU D 74 -12.31 -37.87 -14.51
CA GLU D 74 -12.41 -38.95 -15.50
C GLU D 74 -11.05 -39.50 -15.87
N VAL D 75 -10.07 -38.61 -16.04
CA VAL D 75 -8.78 -38.99 -16.59
C VAL D 75 -7.61 -38.75 -15.63
N ALA D 76 -7.92 -38.54 -14.35
CA ALA D 76 -6.91 -38.24 -13.33
C ALA D 76 -6.11 -39.44 -12.86
N GLY D 77 -6.73 -40.62 -12.94
CA GLY D 77 -6.11 -41.83 -12.45
C GLY D 77 -6.07 -41.82 -10.94
N GLU D 78 -4.88 -42.01 -10.37
CA GLU D 78 -4.73 -42.07 -8.92
C GLU D 78 -4.66 -40.67 -8.32
N THR D 79 -4.14 -39.74 -9.11
CA THR D 79 -4.15 -38.31 -8.77
C THR D 79 -5.46 -37.83 -8.13
N ALA D 80 -5.34 -37.24 -6.95
CA ALA D 80 -6.51 -36.72 -6.24
C ALA D 80 -6.91 -35.37 -6.81
N ILE D 81 -8.21 -35.08 -6.73
CA ILE D 81 -8.79 -33.91 -7.38
C ILE D 81 -9.43 -32.99 -6.35
N VAL D 82 -8.89 -31.79 -6.22
CA VAL D 82 -9.48 -30.81 -5.33
C VAL D 82 -10.14 -29.72 -6.19
N SER D 83 -11.33 -29.27 -5.77
CA SER D 83 -12.05 -28.21 -6.49
C SER D 83 -11.81 -26.83 -5.88
N GLY D 84 -11.71 -25.84 -6.74
CA GLY D 84 -11.87 -24.47 -6.32
C GLY D 84 -13.25 -24.24 -5.71
N CYS D 85 -13.28 -23.29 -4.79
CA CYS D 85 -14.50 -22.81 -4.15
C CYS D 85 -14.22 -21.36 -3.70
N GLY D 86 -15.26 -20.58 -3.50
CA GLY D 86 -15.06 -19.18 -3.18
C GLY D 86 -16.34 -18.37 -3.11
N TYR D 87 -16.17 -17.05 -3.15
CA TYR D 87 -17.26 -16.07 -2.98
C TYR D 87 -17.83 -16.04 -1.55
N GLY D 88 -18.91 -15.28 -1.37
CA GLY D 88 -19.60 -15.20 -0.09
C GLY D 88 -20.09 -16.57 0.38
N THR D 89 -20.51 -16.64 1.64
CA THR D 89 -20.77 -17.92 2.29
C THR D 89 -21.85 -18.72 1.57
N GLU D 90 -22.93 -18.05 1.19
CA GLU D 90 -24.08 -18.72 0.57
C GLU D 90 -23.72 -19.38 -0.76
N ILE D 91 -23.00 -18.66 -1.62
CA ILE D 91 -22.51 -19.23 -2.85
C ILE D 91 -21.44 -20.29 -2.63
N ALA D 92 -20.53 -20.06 -1.69
CA ALA D 92 -19.45 -21.01 -1.45
C ALA D 92 -19.99 -22.38 -1.00
N VAL D 93 -20.97 -22.34 -0.12
CA VAL D 93 -21.59 -23.56 0.39
C VAL D 93 -22.26 -24.34 -0.77
N ASP D 94 -22.99 -23.64 -1.62
CA ASP D 94 -23.62 -24.31 -2.79
C ASP D 94 -22.57 -24.90 -3.71
N ILE D 95 -21.52 -24.15 -4.02
CA ILE D 95 -20.44 -24.71 -4.82
C ILE D 95 -19.81 -25.93 -4.14
N ALA D 96 -19.48 -25.81 -2.85
CA ALA D 96 -18.79 -26.87 -2.14
C ALA D 96 -19.58 -28.18 -2.22
N ARG D 97 -20.87 -28.08 -1.96
CA ARG D 97 -21.74 -29.26 -1.98
C ARG D 97 -21.86 -29.84 -3.39
N SER D 98 -21.93 -28.97 -4.39
CA SER D 98 -22.08 -29.43 -5.76
C SER D 98 -20.87 -30.19 -6.25
N VAL D 99 -19.69 -29.81 -5.78
CA VAL D 99 -18.50 -30.47 -6.29
C VAL D 99 -18.22 -31.72 -5.46
N GLU D 100 -18.71 -31.75 -4.22
CA GLU D 100 -18.61 -32.94 -3.39
C GLU D 100 -19.44 -34.04 -4.05
N LYS D 101 -20.56 -33.66 -4.66
CA LYS D 101 -21.44 -34.64 -5.28
C LYS D 101 -20.82 -35.31 -6.48
N VAL D 102 -19.98 -34.59 -7.23
CA VAL D 102 -19.36 -35.18 -8.42
C VAL D 102 -18.01 -35.82 -8.09
N GLY D 103 -17.71 -35.91 -6.80
CA GLY D 103 -16.61 -36.73 -6.34
C GLY D 103 -15.32 -36.01 -6.01
N ALA D 104 -15.39 -34.68 -5.86
CA ALA D 104 -14.20 -33.94 -5.46
C ALA D 104 -13.60 -34.55 -4.19
N ASP D 105 -12.26 -34.57 -4.14
CA ASP D 105 -11.51 -35.11 -3.02
C ASP D 105 -11.30 -34.05 -1.92
N GLY D 106 -11.60 -32.79 -2.26
CA GLY D 106 -11.52 -31.72 -1.29
C GLY D 106 -11.86 -30.40 -1.95
N ILE D 107 -11.81 -29.31 -1.18
CA ILE D 107 -12.02 -27.99 -1.74
C ILE D 107 -10.91 -27.02 -1.29
N LEU D 108 -10.50 -26.17 -2.21
CA LEU D 108 -9.61 -25.04 -1.92
C LEU D 108 -10.48 -23.82 -1.84
N LEU D 109 -10.60 -23.21 -0.66
CA LEU D 109 -11.49 -22.07 -0.48
C LEU D 109 -10.78 -20.74 -0.73
N LEU D 110 -11.06 -20.16 -1.88
CA LEU D 110 -10.54 -18.87 -2.26
C LEU D 110 -11.28 -17.82 -1.45
N PRO D 111 -10.79 -16.57 -1.49
CA PRO D 111 -11.44 -15.51 -0.71
C PRO D 111 -12.90 -15.28 -1.00
N HIS D 112 -13.62 -14.84 0.00
CA HIS D 112 -14.90 -14.21 -0.23
C HIS D 112 -14.76 -12.97 -1.14
N TYR D 113 -15.89 -12.45 -1.58
CA TYR D 113 -15.88 -11.43 -2.62
C TYR D 113 -15.86 -10.02 -2.08
N LEU D 114 -14.93 -9.24 -2.64
CA LEU D 114 -14.89 -7.75 -2.57
C LEU D 114 -14.49 -7.13 -1.21
N ILE D 115 -15.11 -7.51 -0.10
CA ILE D 115 -15.01 -6.68 1.10
C ILE D 115 -13.92 -7.11 2.05
N ASP D 116 -13.45 -6.15 2.84
CA ASP D 116 -12.55 -6.44 3.93
C ASP D 116 -13.43 -6.87 5.10
N ALA D 117 -12.95 -7.82 5.87
CA ALA D 117 -13.77 -8.34 6.93
C ALA D 117 -12.97 -8.58 8.20
N PRO D 118 -13.64 -8.48 9.35
CA PRO D 118 -12.97 -8.71 10.64
C PRO D 118 -12.72 -10.21 10.86
N GLN D 119 -11.70 -10.54 11.65
CA GLN D 119 -11.31 -11.95 11.85
C GLN D 119 -12.48 -12.82 12.28
N GLU D 120 -13.34 -12.27 13.14
CA GLU D 120 -14.50 -13.00 13.66
C GLU D 120 -15.43 -13.38 12.51
N GLY D 121 -15.52 -12.49 11.53
CA GLY D 121 -16.31 -12.73 10.34
C GLY D 121 -15.69 -13.73 9.40
N LEU D 122 -14.37 -13.70 9.24
CA LEU D 122 -13.69 -14.75 8.46
C LEU D 122 -13.94 -16.09 9.11
N TYR D 123 -13.82 -16.13 10.43
CA TYR D 123 -14.05 -17.36 11.17
C TYR D 123 -15.47 -17.92 10.93
N ALA D 124 -16.49 -17.07 11.03
CA ALA D 124 -17.87 -17.51 10.80
C ALA D 124 -18.08 -18.03 9.38
N HIS D 125 -17.51 -17.34 8.40
CA HIS D 125 -17.64 -17.69 6.98
C HIS D 125 -16.99 -19.02 6.66
N ILE D 126 -15.74 -19.19 7.08
CA ILE D 126 -15.00 -20.40 6.77
C ILE D 126 -15.56 -21.59 7.53
N LYS D 127 -16.04 -21.36 8.74
CA LYS D 127 -16.57 -22.44 9.57
C LYS D 127 -17.79 -23.01 8.88
N LYS D 128 -18.65 -22.12 8.43
CA LYS D 128 -19.90 -22.54 7.77
C LYS D 128 -19.64 -23.33 6.49
N VAL D 129 -18.66 -22.91 5.70
CA VAL D 129 -18.26 -23.68 4.52
C VAL D 129 -17.69 -25.06 4.87
N CYS D 130 -16.79 -25.11 5.85
CA CYS D 130 -16.21 -26.38 6.28
C CYS D 130 -17.30 -27.34 6.75
N GLN D 131 -18.27 -26.81 7.47
CA GLN D 131 -19.31 -27.65 8.06
C GLN D 131 -20.39 -28.09 7.07
N SER D 132 -20.31 -27.61 5.83
CA SER D 132 -21.31 -27.92 4.81
C SER D 132 -20.97 -29.19 4.01
N VAL D 133 -19.75 -29.68 4.17
CA VAL D 133 -19.26 -30.83 3.43
C VAL D 133 -18.42 -31.70 4.34
N GLY D 134 -18.21 -32.95 3.92
CA GLY D 134 -17.39 -33.89 4.67
C GLY D 134 -16.03 -34.11 4.07
N ILE D 135 -15.78 -33.55 2.89
CA ILE D 135 -14.48 -33.68 2.25
C ILE D 135 -13.53 -32.65 2.84
N GLY D 136 -12.26 -32.79 2.51
CA GLY D 136 -11.21 -31.97 3.11
C GLY D 136 -11.23 -30.55 2.58
N VAL D 137 -10.78 -29.61 3.41
CA VAL D 137 -10.80 -28.19 3.07
C VAL D 137 -9.42 -27.64 3.28
N MET D 138 -8.97 -26.84 2.30
N MET D 138 -8.98 -26.89 2.28
CA MET D 138 -7.72 -26.09 2.40
CA MET D 138 -7.81 -26.04 2.41
C MET D 138 -8.06 -24.61 2.31
C MET D 138 -8.28 -24.61 2.46
N VAL D 139 -7.68 -23.81 3.33
CA VAL D 139 -7.94 -22.37 3.31
C VAL D 139 -6.77 -21.69 2.60
N TYR D 140 -7.03 -20.47 2.16
CA TYR D 140 -6.16 -19.80 1.24
C TYR D 140 -6.02 -18.37 1.70
N ASN D 141 -4.90 -18.07 2.34
CA ASN D 141 -4.62 -16.71 2.76
C ASN D 141 -4.13 -15.88 1.60
N ARG D 142 -4.89 -14.86 1.22
CA ARG D 142 -4.56 -14.00 0.12
C ARG D 142 -5.58 -12.88 0.01
N ASP D 143 -5.14 -11.76 -0.55
CA ASP D 143 -5.99 -10.59 -0.81
C ASP D 143 -6.83 -10.23 0.41
N ASN D 144 -8.16 -10.26 0.27
CA ASN D 144 -9.07 -9.80 1.32
C ASN D 144 -9.48 -10.86 2.35
N SER D 145 -8.77 -11.99 2.37
CA SER D 145 -9.01 -13.02 3.37
C SER D 145 -7.70 -13.55 3.91
N VAL D 146 -7.25 -12.95 5.01
CA VAL D 146 -5.97 -13.29 5.64
C VAL D 146 -6.27 -13.60 7.10
N LEU D 147 -6.24 -14.90 7.39
CA LEU D 147 -6.39 -15.40 8.75
C LEU D 147 -5.13 -15.17 9.57
N GLN D 148 -5.32 -14.65 10.78
CA GLN D 148 -4.28 -14.65 11.79
C GLN D 148 -4.16 -16.04 12.41
N ALA D 149 -3.00 -16.31 13.03
CA ALA D 149 -2.73 -17.65 13.59
C ALA D 149 -3.75 -18.10 14.63
N ASP D 150 -4.21 -17.19 15.50
CA ASP D 150 -5.17 -17.56 16.53
C ASP D 150 -6.53 -17.87 15.92
N THR D 151 -6.91 -17.16 14.87
CA THR D 151 -8.17 -17.44 14.19
C THR D 151 -8.13 -18.80 13.51
N LEU D 152 -7.03 -19.08 12.83
CA LEU D 152 -6.86 -20.35 12.17
C LEU D 152 -6.85 -21.50 13.19
N ALA D 153 -6.21 -21.30 14.34
CA ALA D 153 -6.22 -22.32 15.39
C ALA D 153 -7.66 -22.66 15.84
N ARG D 154 -8.49 -21.62 15.98
CA ARG D 154 -9.88 -21.82 16.39
C ARG D 154 -10.64 -22.66 15.36
N LEU D 155 -10.43 -22.34 14.10
CA LEU D 155 -11.07 -23.07 13.00
C LEU D 155 -10.62 -24.55 13.01
N CYS D 156 -9.33 -24.78 13.29
CA CYS D 156 -8.78 -26.12 13.28
C CYS D 156 -9.38 -26.95 14.40
N ASP D 157 -9.64 -26.28 15.53
CA ASP D 157 -10.19 -26.96 16.68
C ASP D 157 -11.62 -27.41 16.43
N GLU D 158 -12.35 -26.64 15.62
CA GLU D 158 -13.78 -26.86 15.45
C GLU D 158 -14.18 -27.50 14.13
N CYS D 159 -13.24 -27.59 13.19
CA CYS D 159 -13.49 -28.17 11.87
C CYS D 159 -12.41 -29.21 11.53
N PRO D 160 -12.66 -30.48 11.90
CA PRO D 160 -11.66 -31.53 11.65
C PRO D 160 -11.30 -31.75 10.19
N ASN D 161 -12.17 -31.38 9.26
CA ASN D 161 -11.89 -31.59 7.84
C ASN D 161 -11.06 -30.48 7.24
N LEU D 162 -10.84 -29.42 8.02
CA LEU D 162 -9.91 -28.36 7.61
C LEU D 162 -8.51 -28.91 7.79
N VAL D 163 -7.83 -29.21 6.69
CA VAL D 163 -6.55 -29.92 6.78
C VAL D 163 -5.37 -29.27 6.04
N GLY D 164 -5.61 -28.18 5.33
CA GLY D 164 -4.57 -27.56 4.56
C GLY D 164 -4.61 -26.05 4.67
N PHE D 165 -3.44 -25.46 4.48
CA PHE D 165 -3.25 -24.00 4.50
C PHE D 165 -2.39 -23.61 3.32
N LYS D 166 -2.94 -22.80 2.43
CA LYS D 166 -2.21 -22.30 1.26
C LYS D 166 -1.93 -20.84 1.47
N ASP D 167 -0.70 -20.41 1.24
CA ASP D 167 -0.38 -18.98 1.31
C ASP D 167 -0.17 -18.31 -0.03
N GLY D 168 -0.90 -17.22 -0.25
CA GLY D 168 -0.64 -16.32 -1.36
C GLY D 168 -0.29 -14.89 -0.92
N THR D 169 0.00 -14.67 0.37
CA THR D 169 0.39 -13.34 0.84
C THR D 169 1.89 -13.01 0.69
N GLY D 170 2.76 -14.01 0.82
CA GLY D 170 4.19 -13.75 0.77
C GLY D 170 4.71 -13.22 2.09
N ASP D 171 3.83 -13.14 3.09
CA ASP D 171 4.17 -12.62 4.42
C ASP D 171 4.89 -13.70 5.23
N ILE D 172 6.22 -13.71 5.19
CA ILE D 172 7.01 -14.72 5.91
C ILE D 172 6.78 -14.72 7.40
N GLY D 173 6.65 -13.53 7.99
CA GLY D 173 6.54 -13.43 9.43
C GLY D 173 5.27 -14.16 9.89
N LEU D 174 4.18 -13.92 9.16
CA LEU D 174 2.89 -14.51 9.51
C LEU D 174 2.86 -16.01 9.24
N VAL D 175 3.38 -16.47 8.09
CA VAL D 175 3.23 -17.89 7.80
C VAL D 175 4.12 -18.73 8.67
N ARG D 176 5.29 -18.21 9.08
CA ARG D 176 6.13 -18.94 10.04
C ARG D 176 5.42 -19.04 11.39
N GLN D 177 4.68 -18.00 11.77
CA GLN D 177 3.97 -18.04 13.04
C GLN D 177 2.85 -19.08 12.96
N ILE D 178 2.20 -19.13 11.81
CA ILE D 178 1.17 -20.13 11.61
C ILE D 178 1.73 -21.55 11.70
N THR D 179 2.84 -21.86 11.04
CA THR D 179 3.34 -23.24 11.09
C THR D 179 3.81 -23.58 12.51
N ALA D 180 4.40 -22.61 13.20
CA ALA D 180 4.80 -22.81 14.60
C ALA D 180 3.60 -23.08 15.50
N LYS D 181 2.48 -22.39 15.27
CA LYS D 181 1.31 -22.59 16.10
C LYS D 181 0.60 -23.92 15.86
N MET D 182 0.47 -24.31 14.60
CA MET D 182 -0.38 -25.44 14.24
C MET D 182 0.40 -26.74 14.08
N GLY D 183 1.68 -26.65 13.75
CA GLY D 183 2.50 -27.84 13.56
C GLY D 183 1.87 -28.78 12.55
N ASP D 184 1.86 -30.08 12.85
CA ASP D 184 1.41 -31.01 11.82
C ASP D 184 -0.10 -31.10 11.73
N ARG D 185 -0.84 -30.27 12.47
CA ARG D 185 -2.30 -30.25 12.34
C ARG D 185 -2.74 -29.92 10.91
N LEU D 186 -1.93 -29.13 10.21
CA LEU D 186 -2.19 -28.76 8.83
C LEU D 186 -1.04 -29.06 7.92
N MET D 187 -1.36 -29.30 6.66
CA MET D 187 -0.38 -29.33 5.59
CA MET D 187 -0.39 -29.33 5.59
C MET D 187 -0.25 -27.92 5.04
N TYR D 188 0.99 -27.48 4.84
CA TYR D 188 1.26 -26.10 4.35
C TYR D 188 1.67 -26.05 2.88
N LEU D 189 0.88 -25.28 2.11
CA LEU D 189 1.06 -25.17 0.67
CA LEU D 189 1.02 -25.17 0.66
C LEU D 189 1.50 -23.78 0.22
N GLY D 190 2.63 -23.71 -0.46
CA GLY D 190 3.08 -22.47 -1.08
C GLY D 190 2.18 -22.08 -2.22
N GLY D 191 1.72 -20.83 -2.24
CA GLY D 191 0.71 -20.42 -3.20
C GLY D 191 0.94 -19.08 -3.84
N MET D 192 2.18 -18.63 -3.89
CA MET D 192 2.47 -17.42 -4.64
C MET D 192 2.29 -17.76 -6.13
N PRO D 193 1.92 -16.77 -6.94
N PRO D 193 1.99 -16.74 -6.95
CA PRO D 193 1.53 -17.03 -8.35
CA PRO D 193 2.15 -16.90 -8.39
C PRO D 193 2.57 -17.83 -9.15
C PRO D 193 3.62 -17.17 -8.70
N THR D 194 3.85 -17.57 -8.94
N THR D 194 3.89 -18.13 -9.58
CA THR D 194 4.94 -18.32 -9.57
CA THR D 194 5.27 -18.56 -9.83
C THR D 194 5.84 -18.81 -8.43
C THR D 194 5.93 -18.89 -8.49
N ALA D 195 5.38 -19.89 -7.79
CA ALA D 195 5.79 -20.24 -6.44
C ALA D 195 7.22 -20.73 -6.33
N GLU D 196 7.82 -21.11 -7.45
CA GLU D 196 9.22 -21.50 -7.41
C GLU D 196 10.14 -20.36 -6.92
N LEU D 197 9.76 -19.11 -7.16
CA LEU D 197 10.54 -17.96 -6.72
C LEU D 197 10.66 -17.90 -5.18
N PHE D 198 9.75 -18.60 -4.53
CA PHE D 198 9.55 -18.56 -3.07
C PHE D 198 9.85 -19.89 -2.37
N ALA D 199 10.06 -20.95 -3.15
CA ALA D 199 10.01 -22.31 -2.60
C ALA D 199 11.13 -22.58 -1.58
N GLU D 200 12.33 -22.10 -1.87
CA GLU D 200 13.47 -22.39 -1.02
C GLU D 200 13.30 -21.67 0.33
N ALA D 201 12.79 -20.44 0.30
CA ALA D 201 12.44 -19.71 1.52
C ALA D 201 11.31 -20.37 2.29
N TYR D 202 10.29 -20.82 1.57
CA TYR D 202 9.12 -21.38 2.21
C TYR D 202 9.43 -22.71 2.92
N LEU D 203 10.48 -23.38 2.48
CA LEU D 203 10.95 -24.58 3.20
C LEU D 203 11.29 -24.24 4.64
N GLY D 204 12.08 -23.19 4.79
CA GLY D 204 12.47 -22.69 6.10
C GLY D 204 11.30 -22.31 6.96
N ALA D 205 10.25 -21.77 6.33
CA ALA D 205 9.05 -21.36 7.03
C ALA D 205 8.18 -22.57 7.45
N GLY D 206 8.50 -23.74 6.92
CA GLY D 206 7.75 -24.97 7.24
C GLY D 206 6.89 -25.57 6.15
N PHE D 207 7.08 -25.09 4.92
CA PHE D 207 6.31 -25.50 3.74
C PHE D 207 7.16 -26.36 2.78
N THR D 208 6.74 -27.59 2.46
CA THR D 208 7.56 -28.42 1.55
C THR D 208 6.89 -28.69 0.21
N THR D 209 5.77 -28.06 -0.06
CA THR D 209 5.24 -28.11 -1.40
C THR D 209 4.52 -26.81 -1.68
N TYR D 210 4.09 -26.70 -2.93
CA TYR D 210 3.53 -25.50 -3.51
C TYR D 210 2.77 -25.91 -4.77
N SER D 211 1.92 -25.02 -5.27
CA SER D 211 1.38 -25.17 -6.60
C SER D 211 2.41 -24.64 -7.58
N SER D 212 2.68 -25.43 -8.64
CA SER D 212 3.51 -24.95 -9.74
C SER D 212 2.63 -24.64 -10.92
N ALA D 213 2.36 -23.35 -11.15
CA ALA D 213 1.53 -22.96 -12.28
C ALA D 213 2.18 -23.34 -13.60
N VAL D 214 3.51 -23.18 -13.71
CA VAL D 214 4.21 -23.47 -14.97
C VAL D 214 4.27 -24.96 -15.27
N PHE D 215 3.94 -25.77 -14.28
CA PHE D 215 3.79 -27.21 -14.46
C PHE D 215 2.81 -27.49 -15.58
N ASN D 216 1.88 -26.58 -15.78
CA ASN D 216 0.90 -26.68 -16.87
C ASN D 216 1.54 -26.94 -18.22
N PHE D 217 2.68 -26.32 -18.48
CA PHE D 217 3.29 -26.41 -19.82
C PHE D 217 4.77 -26.84 -19.85
N VAL D 218 5.49 -26.75 -18.73
CA VAL D 218 6.83 -27.34 -18.63
C VAL D 218 6.92 -28.20 -17.36
N PRO D 219 6.09 -29.23 -17.28
CA PRO D 219 6.02 -30.08 -16.09
C PRO D 219 7.33 -30.80 -15.79
N GLY D 220 8.10 -31.14 -16.83
CA GLY D 220 9.39 -31.76 -16.60
C GLY D 220 10.34 -30.83 -15.84
N LEU D 221 10.41 -29.59 -16.29
CA LEU D 221 11.23 -28.55 -15.65
C LEU D 221 10.74 -28.28 -14.23
N ALA D 222 9.44 -28.15 -14.06
CA ALA D 222 8.85 -27.97 -12.73
C ALA D 222 9.22 -29.13 -11.81
N ASN D 223 9.09 -30.35 -12.34
CA ASN D 223 9.47 -31.56 -11.59
C ASN D 223 10.95 -31.59 -11.27
N GLU D 224 11.77 -31.15 -12.22
CA GLU D 224 13.22 -31.10 -12.00
C GLU D 224 13.56 -30.14 -10.87
N PHE D 225 12.92 -28.97 -10.85
CA PHE D 225 13.15 -27.97 -9.79
C PHE D 225 12.70 -28.55 -8.44
N TYR D 226 11.52 -29.15 -8.39
CA TYR D 226 10.98 -29.69 -7.14
C TYR D 226 11.91 -30.76 -6.57
N ALA D 227 12.38 -31.65 -7.44
CA ALA D 227 13.32 -32.70 -7.04
C ALA D 227 14.60 -32.11 -6.46
N ALA D 228 15.17 -31.11 -7.13
CA ALA D 228 16.38 -30.45 -6.65
C ALA D 228 16.12 -29.74 -5.33
N LEU D 229 14.98 -29.08 -5.19
CA LEU D 229 14.61 -28.41 -3.94
C LEU D 229 14.60 -29.38 -2.77
N ARG D 230 13.86 -30.47 -2.91
CA ARG D 230 13.72 -31.42 -1.82
C ARG D 230 15.05 -32.14 -1.53
N ALA D 231 15.93 -32.22 -2.53
CA ALA D 231 17.23 -32.87 -2.34
C ALA D 231 18.30 -31.93 -1.80
N GLY D 232 18.04 -30.64 -1.78
CA GLY D 232 19.04 -29.69 -1.33
C GLY D 232 20.07 -29.29 -2.37
N GLU D 233 19.81 -29.62 -3.64
CA GLU D 233 20.72 -29.27 -4.71
CA GLU D 233 20.74 -29.27 -4.72
C GLU D 233 20.49 -27.83 -5.15
N ARG D 234 21.06 -26.90 -4.40
CA ARG D 234 20.83 -25.50 -4.61
C ARG D 234 21.31 -24.98 -5.95
N ALA D 235 22.47 -25.45 -6.41
CA ALA D 235 23.00 -24.99 -7.70
C ALA D 235 22.02 -25.31 -8.85
N THR D 236 21.25 -26.38 -8.71
CA THR D 236 20.31 -26.78 -9.74
C THR D 236 19.12 -25.81 -9.70
N CYS D 237 18.57 -25.60 -8.50
CA CYS D 237 17.45 -24.68 -8.30
C CYS D 237 17.84 -23.32 -8.85
N GLU D 238 19.04 -22.89 -8.53
CA GLU D 238 19.49 -21.56 -8.94
C GLU D 238 19.60 -21.42 -10.49
N ARG D 239 20.11 -22.46 -11.15
CA ARG D 239 20.22 -22.48 -12.61
C ARG D 239 18.84 -22.27 -13.24
N ILE D 240 17.87 -23.03 -12.73
CA ILE D 240 16.53 -23.02 -13.29
C ILE D 240 15.88 -21.67 -13.02
N LEU D 241 16.17 -21.07 -11.86
CA LEU D 241 15.60 -19.75 -11.56
C LEU D 241 16.16 -18.71 -12.50
N VAL D 242 17.47 -18.74 -12.70
CA VAL D 242 18.14 -17.68 -13.46
C VAL D 242 17.85 -17.82 -14.95
N ASP D 243 17.79 -19.08 -15.41
CA ASP D 243 17.65 -19.38 -16.83
C ASP D 243 16.19 -19.35 -17.27
N PHE D 244 15.29 -19.80 -16.41
CA PHE D 244 13.88 -19.83 -16.77
C PHE D 244 12.98 -18.89 -16.00
N PHE D 245 13.02 -18.94 -14.66
CA PHE D 245 11.96 -18.28 -13.92
C PHE D 245 12.06 -16.76 -13.91
N TYR D 246 13.24 -16.17 -13.74
CA TYR D 246 13.28 -14.70 -13.76
C TYR D 246 12.96 -14.16 -15.18
N PRO D 247 13.42 -14.85 -16.24
CA PRO D 247 12.94 -14.44 -17.56
C PRO D 247 11.43 -14.60 -17.74
N PHE D 248 10.85 -15.65 -17.17
CA PHE D 248 9.41 -15.80 -17.20
C PHE D 248 8.70 -14.66 -16.47
N MET D 249 9.24 -14.27 -15.32
CA MET D 249 8.70 -13.14 -14.56
CA MET D 249 8.72 -13.15 -14.55
C MET D 249 8.72 -11.86 -15.37
N ALA D 250 9.72 -11.69 -16.22
CA ALA D 250 9.85 -10.47 -16.98
C ALA D 250 8.70 -10.38 -17.96
N ILE D 251 8.30 -11.53 -18.49
CA ILE D 251 7.12 -11.62 -19.36
C ILE D 251 5.84 -11.42 -18.53
N ARG D 252 5.71 -12.21 -17.45
CA ARG D 252 4.56 -12.14 -16.54
C ARG D 252 4.25 -10.74 -16.04
N ASN D 253 5.30 -9.97 -15.80
CA ASN D 253 5.14 -8.65 -15.22
C ASN D 253 4.72 -7.57 -16.22
N ARG D 254 4.58 -7.95 -17.49
CA ARG D 254 4.22 -6.97 -18.51
C ARG D 254 2.78 -6.49 -18.42
N ALA D 255 1.90 -7.28 -17.82
CA ALA D 255 0.50 -6.87 -17.65
C ALA D 255 -0.22 -7.53 -16.49
N LYS D 256 -1.21 -6.85 -15.94
CA LYS D 256 -2.01 -7.44 -14.87
C LYS D 256 -2.66 -8.73 -15.35
N GLY D 257 -2.68 -9.73 -14.47
CA GLY D 257 -3.34 -11.00 -14.75
C GLY D 257 -2.51 -12.00 -15.53
N TYR D 258 -1.33 -11.59 -15.98
CA TYR D 258 -0.50 -12.46 -16.80
C TYR D 258 0.01 -13.69 -16.05
N ALA D 259 -0.10 -13.71 -14.73
CA ALA D 259 0.23 -14.92 -13.98
C ALA D 259 -0.59 -16.08 -14.46
N VAL D 260 -1.79 -15.77 -14.96
CA VAL D 260 -2.67 -16.79 -15.53
C VAL D 260 -2.51 -16.80 -17.05
N SER D 261 -2.60 -15.62 -17.66
CA SER D 261 -2.56 -15.48 -19.14
C SER D 261 -1.30 -16.06 -19.77
N ALA D 262 -0.15 -15.89 -19.12
CA ALA D 262 1.11 -16.38 -19.70
C ALA D 262 1.21 -17.90 -19.57
N VAL D 263 0.60 -18.45 -18.54
CA VAL D 263 0.58 -19.87 -18.33
C VAL D 263 -0.30 -20.49 -19.40
N LYS D 264 -1.47 -19.89 -19.63
CA LYS D 264 -2.37 -20.42 -20.65
C LYS D 264 -1.70 -20.32 -22.02
N ALA D 265 -0.96 -19.24 -22.28
CA ALA D 265 -0.25 -19.10 -23.55
C ALA D 265 0.77 -20.22 -23.69
N GLY D 266 1.41 -20.59 -22.58
CA GLY D 266 2.41 -21.64 -22.61
C GLY D 266 1.81 -22.99 -22.94
N VAL D 267 0.64 -23.24 -22.39
CA VAL D 267 -0.10 -24.48 -22.65
C VAL D 267 -0.43 -24.57 -24.16
N ARG D 268 -0.86 -23.46 -24.75
CA ARG D 268 -1.23 -23.45 -26.18
C ARG D 268 0.01 -23.64 -27.06
N LEU D 269 1.12 -23.01 -26.67
CA LEU D 269 2.38 -23.15 -27.37
C LEU D 269 2.88 -24.60 -27.38
N GLN D 270 2.52 -25.37 -26.35
CA GLN D 270 2.94 -26.77 -26.23
C GLN D 270 1.94 -27.72 -26.91
N GLY D 271 0.94 -27.17 -27.57
CA GLY D 271 0.01 -27.97 -28.36
C GLY D 271 -1.16 -28.57 -27.62
N PHE D 272 -1.63 -27.87 -26.59
CA PHE D 272 -2.90 -28.21 -25.96
C PHE D 272 -3.84 -27.04 -26.21
N ASN D 273 -5.03 -27.38 -26.68
CA ASN D 273 -5.92 -26.37 -27.24
C ASN D 273 -6.69 -25.61 -26.16
N ALA D 274 -5.98 -24.92 -25.26
CA ALA D 274 -6.62 -24.33 -24.08
C ALA D 274 -7.56 -23.17 -24.40
N GLY D 275 -7.39 -22.53 -25.56
CA GLY D 275 -8.25 -21.43 -25.90
C GLY D 275 -7.88 -20.11 -25.21
N PRO D 276 -8.74 -19.10 -25.37
CA PRO D 276 -8.48 -17.79 -24.78
C PRO D 276 -8.79 -17.77 -23.30
N VAL D 277 -8.29 -16.73 -22.64
CA VAL D 277 -8.74 -16.42 -21.30
C VAL D 277 -10.10 -15.75 -21.41
N ARG D 278 -10.86 -15.81 -20.34
CA ARG D 278 -12.07 -15.01 -20.24
C ARG D 278 -11.73 -13.62 -19.72
N ALA D 279 -12.40 -12.61 -20.25
CA ALA D 279 -12.36 -11.29 -19.65
C ALA D 279 -12.73 -11.40 -18.18
N PRO D 280 -12.16 -10.55 -17.32
CA PRO D 280 -11.34 -9.35 -17.58
C PRO D 280 -9.83 -9.61 -17.68
N LEU D 281 -9.40 -10.86 -17.74
CA LEU D 281 -8.03 -11.14 -18.19
C LEU D 281 -7.94 -10.80 -19.67
N LYS D 282 -6.72 -10.60 -20.17
CA LYS D 282 -6.46 -10.52 -21.61
C LYS D 282 -5.37 -11.51 -21.98
N ASP D 283 -5.35 -11.93 -23.24
CA ASP D 283 -4.29 -12.84 -23.69
C ASP D 283 -3.05 -12.07 -24.07
N LEU D 284 -1.90 -12.76 -24.02
CA LEU D 284 -0.64 -12.18 -24.47
C LEU D 284 -0.72 -11.73 -25.92
N THR D 285 -0.02 -10.64 -26.24
CA THR D 285 0.16 -10.21 -27.61
C THR D 285 0.99 -11.24 -28.39
N ASN D 286 0.99 -11.14 -29.71
CA ASN D 286 1.79 -12.08 -30.50
C ASN D 286 3.28 -11.90 -30.22
N GLU D 287 3.72 -10.67 -30.02
CA GLU D 287 5.10 -10.40 -29.61
C GLU D 287 5.43 -11.13 -28.31
N GLU D 288 4.53 -11.02 -27.34
CA GLU D 288 4.74 -11.64 -26.03
C GLU D 288 4.71 -13.16 -26.13
N ILE D 289 3.82 -13.69 -26.97
CA ILE D 289 3.71 -15.14 -27.14
C ILE D 289 5.02 -15.64 -27.74
N GLY D 290 5.59 -14.83 -28.62
CA GLY D 290 6.88 -15.11 -29.20
C GLY D 290 7.97 -15.16 -28.16
N MET D 291 7.95 -14.21 -27.22
CA MET D 291 8.93 -14.18 -26.15
C MET D 291 8.85 -15.47 -25.36
N LEU D 292 7.62 -15.90 -25.05
CA LEU D 292 7.43 -17.09 -24.23
C LEU D 292 7.85 -18.34 -24.97
N GLU D 293 7.51 -18.40 -26.26
CA GLU D 293 7.93 -19.52 -27.10
C GLU D 293 9.46 -19.69 -27.08
N ALA D 294 10.20 -18.60 -27.24
CA ALA D 294 11.66 -18.67 -27.25
C ALA D 294 12.16 -19.14 -25.88
N LEU D 295 11.48 -18.71 -24.83
CA LEU D 295 11.90 -19.07 -23.46
C LEU D 295 11.68 -20.56 -23.19
N ILE D 296 10.57 -21.10 -23.65
CA ILE D 296 10.30 -22.52 -23.49
C ILE D 296 11.44 -23.31 -24.17
N GLY D 297 11.95 -22.80 -25.29
CA GLY D 297 13.16 -23.36 -25.92
C GLY D 297 13.28 -24.88 -25.89
N THR D 298 14.37 -25.35 -25.28
CA THR D 298 14.70 -26.78 -25.24
C THR D 298 13.65 -27.63 -24.53
N HIS D 299 12.69 -26.97 -23.86
CA HIS D 299 11.57 -27.65 -23.20
C HIS D 299 10.32 -27.72 -24.07
N LYS D 300 10.45 -27.34 -25.33
CA LYS D 300 9.32 -27.40 -26.25
C LYS D 300 8.81 -28.84 -26.34
N ARG D 301 7.49 -29.01 -26.28
CA ARG D 301 6.88 -30.33 -26.44
C ARG D 301 7.03 -30.79 -27.88
N LYS D 302 7.65 -31.96 -28.06
CA LYS D 302 8.00 -32.43 -29.40
C LYS D 302 7.16 -33.63 -29.81
N ALA D 303 6.77 -33.68 -31.09
CA ALA D 303 6.01 -34.79 -31.63
C ALA D 303 6.66 -36.15 -31.38
N TRP D 304 7.99 -36.20 -31.29
CA TRP D 304 8.68 -37.50 -31.14
C TRP D 304 8.81 -37.99 -29.69
N SER D 305 8.36 -37.21 -28.72
CA SER D 305 8.44 -37.63 -27.31
C SER D 305 7.67 -38.93 -27.07
C1 GOL E . 21.18 -12.26 30.44
O1 GOL E . 22.50 -12.67 30.68
C2 GOL E . 20.76 -12.64 29.04
O2 GOL E . 21.78 -12.41 28.11
C3 GOL E . 20.37 -14.13 28.96
O3 GOL E . 19.72 -14.36 27.70
H11 GOL E . 21.10 -11.17 30.57
H12 GOL E . 20.51 -12.73 31.17
HO1 GOL E . 22.79 -12.36 31.57
H2 GOL E . 19.88 -12.05 28.76
HO2 GOL E . 22.56 -12.97 28.32
H31 GOL E . 19.70 -14.37 29.78
H32 GOL E . 21.25 -14.75 29.05
HO3 GOL E . 18.95 -14.96 27.84
C1 GOL F . 25.80 -14.43 4.92
O1 GOL F . 24.40 -14.51 4.93
C2 GOL F . 26.33 -14.99 3.60
O2 GOL F . 25.96 -14.09 2.58
C3 GOL F . 25.78 -16.38 3.27
O3 GOL F . 26.22 -17.37 4.18
H11 GOL F . 26.21 -15.00 5.75
H12 GOL F . 26.11 -13.39 5.03
HO1 GOL F . 24.06 -14.22 5.81
H2 GOL F . 27.41 -15.05 3.66
HO2 GOL F . 26.32 -14.40 1.72
H31 GOL F . 26.08 -16.66 2.26
H32 GOL F . 24.68 -16.35 3.28
HO3 GOL F . 27.20 -17.44 4.14
C FMT G . 14.30 1.47 12.30
O1 FMT G . 13.33 1.71 11.56
O2 FMT G . 15.26 0.79 11.92
H FMT G . 14.33 1.86 13.32
C1 GOL H . -6.21 29.59 1.92
O1 GOL H . -6.39 28.33 1.31
C2 GOL H . -7.18 29.77 3.08
O2 GOL H . -6.87 28.81 4.07
C3 GOL H . -8.62 29.59 2.63
O3 GOL H . -8.98 30.60 1.71
H11 GOL H . -6.36 30.38 1.18
H12 GOL H . -5.18 29.67 2.29
HO1 GOL H . -5.80 28.25 0.53
H2 GOL H . -7.05 30.77 3.48
HO2 GOL H . -7.48 28.93 4.83
H31 GOL H . -9.27 29.62 3.50
H32 GOL H . -8.74 28.61 2.16
HO3 GOL H . -8.55 31.44 1.96
C1 GOL I . 5.86 32.94 -20.92
C1 GOL I . 3.51 31.87 -20.63
O1 GOL I . 6.17 34.30 -20.85
O1 GOL I . 2.88 33.12 -20.82
C2 GOL I . 4.64 32.73 -20.04
C2 GOL I . 4.89 32.05 -20.00
O2 GOL I . 5.13 32.74 -18.71
O2 GOL I . 4.70 32.57 -18.71
C3 GOL I . 3.92 31.42 -20.37
C3 GOL I . 5.75 32.99 -20.85
O3 GOL I . 2.67 31.33 -19.70
O3 GOL I . 5.49 32.82 -22.23
H11 GOL I . 6.70 32.33 -20.58
H11 GOL I . 3.60 31.36 -21.58
H12 GOL I . 5.63 32.65 -21.96
H12 GOL I . 2.88 31.25 -19.98
HO1 GOL I . 7.00 34.47 -21.36
HO1 GOL I . 2.03 33.00 -21.29
H2 GOL I . 3.96 33.56 -20.18
H2 GOL I . 5.38 31.08 -19.94
HO2 GOL I . 4.38 32.62 -18.09
H31 GOL I . 4.54 30.57 -20.08
H31 GOL I . 6.80 32.80 -20.65
H32 GOL I . 3.75 31.37 -21.45
H32 GOL I . 5.54 34.03 -20.56
HO3 GOL I . 2.19 30.52 -20.00
HO3 GOL I . 6.32 32.59 -22.70
C1 GOL J . 8.95 16.64 -3.80
O1 GOL J . 8.04 17.47 -3.13
C2 GOL J . 8.21 15.35 -4.14
O2 GOL J . 9.00 14.23 -3.89
C3 GOL J . 7.73 15.36 -5.59
O3 GOL J . 6.69 14.43 -5.75
H11 GOL J . 9.81 16.41 -3.15
H12 GOL J . 9.32 17.12 -4.70
HO1 GOL J . 8.48 18.28 -2.83
H2 GOL J . 7.32 15.30 -3.51
HO2 GOL J . 8.48 13.41 -4.08
H31 GOL J . 8.56 15.10 -6.25
H32 GOL J . 7.39 16.36 -5.86
HO3 GOL J . 7.05 13.53 -5.84
C1 GOL K . -24.02 16.57 -13.09
O1 GOL K . -24.01 17.63 -12.14
C2 GOL K . -23.34 15.38 -12.44
O2 GOL K . -22.90 14.35 -13.27
C3 GOL K . -24.17 14.69 -11.40
O3 GOL K . -23.31 14.72 -10.27
H11 GOL K . -23.49 16.87 -14.00
H12 GOL K . -25.05 16.32 -13.36
HO1 GOL K . -24.38 18.44 -12.54
H2 GOL K . -22.47 15.78 -11.93
HO2 GOL K . -22.37 13.71 -12.74
H31 GOL K . -24.39 13.66 -11.69
H32 GOL K . -25.10 15.22 -11.19
HO3 GOL K . -23.83 14.52 -9.46
C FMT L . -19.63 -1.80 0.68
O1 FMT L . -19.83 -1.12 -0.33
O2 FMT L . -18.49 -2.17 0.98
H FMT L . -20.45 -2.09 1.33
C1 GOL M . 3.79 -29.74 3.50
O1 GOL M . 4.45 -28.55 3.18
C2 GOL M . 3.78 -30.04 4.98
O2 GOL M . 2.94 -29.17 5.68
C3 GOL M . 5.18 -29.97 5.60
O3 GOL M . 6.04 -30.88 4.96
H11 GOL M . 4.27 -30.57 2.97
H12 GOL M . 2.76 -29.69 3.15
HO1 GOL M . 4.48 -28.44 2.21
H2 GOL M . 3.41 -31.06 5.12
HO2 GOL M . 2.92 -29.42 6.63
H31 GOL M . 5.12 -30.20 6.67
H32 GOL M . 5.57 -28.95 5.50
HO3 GOL M . 6.97 -30.69 5.22
C FMT N . -4.61 -15.99 -9.90
O1 FMT N . -4.31 -14.86 -9.49
O2 FMT N . -4.99 -16.90 -9.15
H FMT N . -4.53 -16.17 -10.98
#